data_3SZ8
#
_entry.id   3SZ8
#
_cell.length_a   85.490
_cell.length_b   83.320
_cell.length_c   87.870
_cell.angle_alpha   90.000
_cell.angle_beta   116.590
_cell.angle_gamma   90.000
#
_symmetry.space_group_name_H-M   'P 1 21 1'
#
loop_
_entity.id
_entity.type
_entity.pdbx_description
1 polymer '2-dehydro-3-deoxyphosphooctonate aldolase 2'
2 non-polymer 'ACETATE ION'
3 water water
#
_entity_poly.entity_id   1
_entity_poly.type   'polypeptide(L)'
_entity_poly.pdbx_seq_one_letter_code
;GPGSMNVAISPGVTAGNSLPFVLFGGINVLESLDFTLDVCGEYVAVTRKLGIPFVFKASFDKANRSSIHSYRGVGLDEGL
KIFAEVKARFGVPVITDVHEAEQAAPVAEIADVLQVPAFLARQTDLVVAIAKAGKPVNVKKPQFMSPTQLKHVVSKCGEV
GNDRVMLCERGSSFGYDNLVVDMLGFRQMAETTGGCPVIFDVTHSLQCRDPLGDASGGRRRQVLDLARAGIAVGIAGLFL
EAHPDPDRARCDGPSALPLHQLEGLLSQMKAIDDLVKRMPALEIR
;
_entity_poly.pdbx_strand_id   A,B,C,D
#
# COMPACT_ATOMS: atom_id res chain seq x y z
N SER A 4 -0.65 27.41 13.62
CA SER A 4 -0.76 27.62 15.10
C SER A 4 0.58 28.15 15.65
N MET A 5 1.64 27.34 15.68
CA MET A 5 2.96 27.82 16.19
C MET A 5 3.70 28.51 15.04
N ASN A 6 4.32 29.65 15.32
CA ASN A 6 5.19 30.32 14.37
C ASN A 6 6.65 30.15 14.75
N VAL A 7 7.48 29.78 13.79
CA VAL A 7 8.91 29.55 14.04
C VAL A 7 9.71 30.66 13.35
N ALA A 8 10.39 31.47 14.13
CA ALA A 8 11.24 32.54 13.61
C ALA A 8 12.53 31.92 13.11
N ILE A 9 12.84 32.13 11.84
CA ILE A 9 14.07 31.63 11.25
C ILE A 9 15.17 32.70 11.21
N SER A 10 14.81 33.90 10.76
CA SER A 10 15.72 35.04 10.73
C SER A 10 14.87 36.30 10.61
N PRO A 11 15.51 37.49 10.62
CA PRO A 11 14.64 38.66 10.46
C PRO A 11 13.85 38.65 9.14
N GLY A 12 12.56 38.93 9.24
CA GLY A 12 11.69 38.90 8.07
C GLY A 12 11.37 37.53 7.51
N VAL A 13 11.88 36.46 8.13
CA VAL A 13 11.52 35.10 7.69
C VAL A 13 10.95 34.30 8.87
N THR A 14 9.64 34.07 8.83
CA THR A 14 8.96 33.31 9.89
C THR A 14 8.02 32.32 9.24
N ALA A 15 8.11 31.05 9.66
CA ALA A 15 7.26 29.99 9.10
C ALA A 15 6.08 29.72 10.01
N GLY A 16 4.90 29.57 9.43
CA GLY A 16 3.71 29.25 10.21
C GLY A 16 2.55 28.85 9.33
N ASN A 17 1.72 27.94 9.82
CA ASN A 17 0.64 27.39 9.00
C ASN A 17 -0.43 28.42 8.65
N SER A 18 -0.53 29.52 9.40
CA SER A 18 -1.45 30.61 9.05
C SER A 18 -0.78 31.77 8.29
N LEU A 19 0.54 31.68 8.11
CA LEU A 19 1.34 32.76 7.52
C LEU A 19 1.58 32.53 6.02
N PRO A 20 2.00 33.59 5.29
CA PRO A 20 2.41 33.40 3.91
C PRO A 20 3.46 32.28 3.82
N PHE A 21 3.32 31.38 2.84
CA PHE A 21 4.23 30.25 2.77
C PHE A 21 5.65 30.74 2.60
N VAL A 22 6.58 30.00 3.18
CA VAL A 22 8.03 30.22 3.01
C VAL A 22 8.62 29.20 2.05
N LEU A 23 9.43 29.63 1.08
CA LEU A 23 10.16 28.70 0.21
C LEU A 23 11.47 28.31 0.84
N PHE A 24 11.63 27.01 1.07
CA PHE A 24 12.89 26.43 1.43
C PHE A 24 13.36 25.81 0.13
N GLY A 25 14.30 26.47 -0.53
CA GLY A 25 14.60 26.20 -1.93
C GLY A 25 16.09 26.17 -2.16
N GLY A 26 16.57 25.23 -2.95
CA GLY A 26 17.95 25.28 -3.36
C GLY A 26 18.35 24.17 -4.27
N ILE A 27 19.36 23.42 -3.84
CA ILE A 27 20.04 22.43 -4.63
C ILE A 27 20.27 21.17 -3.82
N ASN A 28 20.56 20.10 -4.53
CA ASN A 28 20.70 18.79 -3.91
C ASN A 28 21.95 18.76 -3.03
N VAL A 29 23.10 19.12 -3.58
CA VAL A 29 24.35 19.06 -2.82
C VAL A 29 25.36 20.16 -3.22
N LEU A 30 26.12 20.58 -2.22
CA LEU A 30 27.17 21.57 -2.40
C LEU A 30 28.31 20.93 -3.20
N GLU A 31 28.53 21.46 -4.41
CA GLU A 31 29.60 21.04 -5.33
C GLU A 31 30.75 22.04 -5.44
N SER A 32 30.42 23.34 -5.62
CA SER A 32 31.42 24.41 -5.60
C SER A 32 30.81 25.71 -5.08
N LEU A 33 31.67 26.60 -4.59
CA LEU A 33 31.26 27.95 -4.23
C LEU A 33 30.48 28.68 -5.32
N ASP A 34 31.04 28.74 -6.53
CA ASP A 34 30.47 29.58 -7.58
C ASP A 34 29.14 29.08 -8.10
N PHE A 35 29.02 27.76 -8.27
CA PHE A 35 27.74 27.22 -8.71
C PHE A 35 26.65 27.49 -7.66
N THR A 36 27.00 27.32 -6.39
CA THR A 36 26.06 27.59 -5.28
C THR A 36 25.61 29.05 -5.27
N LEU A 37 26.57 29.97 -5.40
CA LEU A 37 26.26 31.38 -5.41
C LEU A 37 25.38 31.73 -6.60
N ASP A 38 25.72 31.23 -7.78
CA ASP A 38 24.89 31.49 -8.96
C ASP A 38 23.46 31.01 -8.79
N VAL A 39 23.29 29.77 -8.33
CA VAL A 39 21.94 29.22 -8.14
C VAL A 39 21.20 29.94 -7.02
N CYS A 40 21.83 30.12 -5.86
CA CYS A 40 21.21 30.92 -4.79
C CYS A 40 20.82 32.32 -5.26
N GLY A 41 21.71 32.92 -6.06
CA GLY A 41 21.45 34.23 -6.61
C GLY A 41 20.22 34.26 -7.50
N GLU A 42 19.97 33.19 -8.24
CA GLU A 42 18.78 33.12 -9.06
C GLU A 42 17.54 33.00 -8.16
N TYR A 43 17.60 32.16 -7.11
CA TYR A 43 16.46 32.03 -6.20
C TYR A 43 16.16 33.36 -5.51
N VAL A 44 17.21 34.04 -5.07
CA VAL A 44 17.04 35.31 -4.38
C VAL A 44 16.33 36.31 -5.33
N ALA A 45 16.83 36.44 -6.56
CA ALA A 45 16.24 37.38 -7.54
C ALA A 45 14.74 37.13 -7.73
N VAL A 46 14.36 35.87 -7.90
CA VAL A 46 12.94 35.52 -8.17
C VAL A 46 12.06 35.68 -6.91
N THR A 47 12.54 35.20 -5.77
CA THR A 47 11.76 35.32 -4.53
C THR A 47 11.58 36.78 -4.16
N ARG A 48 12.64 37.58 -4.36
CA ARG A 48 12.55 39.03 -4.16
CA ARG A 48 12.53 39.02 -4.12
C ARG A 48 11.51 39.65 -5.06
N LYS A 49 11.61 39.37 -6.35
CA LYS A 49 10.68 39.96 -7.31
C LYS A 49 9.25 39.68 -6.91
N LEU A 50 8.99 38.43 -6.56
CA LEU A 50 7.65 37.94 -6.29
C LEU A 50 7.15 38.29 -4.88
N GLY A 51 8.06 38.52 -3.92
CA GLY A 51 7.68 38.87 -2.55
C GLY A 51 7.42 37.65 -1.64
N ILE A 52 8.24 36.62 -1.80
CA ILE A 52 8.11 35.34 -1.07
C ILE A 52 9.32 35.18 -0.15
N PRO A 53 9.10 34.89 1.14
CA PRO A 53 10.21 34.67 2.06
C PRO A 53 10.98 33.42 1.69
N PHE A 54 12.29 33.48 1.88
CA PHE A 54 13.21 32.51 1.31
C PHE A 54 14.30 32.03 2.27
N VAL A 55 14.48 30.71 2.31
CA VAL A 55 15.62 30.07 3.00
C VAL A 55 16.34 29.19 1.97
N PHE A 56 17.66 29.34 1.82
CA PHE A 56 18.41 28.58 0.84
C PHE A 56 18.75 27.19 1.40
N LYS A 57 18.46 26.15 0.64
CA LYS A 57 18.73 24.76 1.06
C LYS A 57 19.84 24.09 0.27
N ALA A 58 20.71 23.38 0.98
CA ALA A 58 21.66 22.51 0.31
C ALA A 58 22.21 21.51 1.31
N SER A 59 22.65 20.36 0.81
CA SER A 59 23.29 19.35 1.63
C SER A 59 24.78 19.53 1.48
N PHE A 60 25.56 19.26 2.53
CA PHE A 60 27.02 19.28 2.42
C PHE A 60 27.59 17.90 2.18
N ASP A 61 26.78 16.87 2.42
CA ASP A 61 27.15 15.47 2.18
C ASP A 61 25.94 14.67 1.67
N LYS A 62 26.18 13.77 0.72
CA LYS A 62 25.19 12.78 0.34
C LYS A 62 25.57 11.51 1.04
N ALA A 63 24.86 11.21 2.12
CA ALA A 63 25.25 10.18 3.09
C ALA A 63 24.77 8.78 2.68
N ASN A 64 24.00 8.69 1.61
CA ASN A 64 23.41 7.41 1.24
C ASN A 64 23.28 7.10 -0.27
N ARG A 65 24.37 7.33 -1.03
CA ARG A 65 24.44 6.87 -2.43
C ARG A 65 24.54 5.33 -2.52
N SER A 66 24.30 4.79 -3.72
CA SER A 66 24.37 3.36 -4.00
C SER A 66 25.78 2.83 -3.85
N SER A 67 26.77 3.60 -4.29
CA SER A 67 28.15 3.15 -4.24
C SER A 67 28.96 4.00 -3.26
N ILE A 68 29.93 3.36 -2.59
CA ILE A 68 30.80 4.09 -1.68
C ILE A 68 31.72 5.06 -2.46
N HIS A 69 31.86 4.82 -3.77
CA HIS A 69 32.74 5.65 -4.61
C HIS A 69 32.03 6.82 -5.25
N SER A 70 30.71 6.87 -5.14
CA SER A 70 29.95 7.93 -5.75
C SER A 70 30.21 9.28 -5.06
N TYR A 71 30.07 10.34 -5.84
CA TYR A 71 30.38 11.69 -5.39
C TYR A 71 29.50 12.08 -4.23
N ARG A 72 30.11 12.65 -3.19
CA ARG A 72 29.35 12.97 -1.98
C ARG A 72 29.23 14.45 -1.69
N GLY A 73 29.68 15.29 -2.60
CA GLY A 73 29.70 16.73 -2.35
C GLY A 73 30.98 17.16 -1.63
N VAL A 74 31.03 18.42 -1.21
CA VAL A 74 32.27 18.98 -0.68
C VAL A 74 32.61 18.53 0.73
N GLY A 75 31.59 18.12 1.50
CA GLY A 75 31.80 17.67 2.86
C GLY A 75 31.57 18.80 3.85
N LEU A 76 31.64 18.46 5.13
CA LEU A 76 31.25 19.40 6.20
C LEU A 76 32.09 20.68 6.20
N ASP A 77 33.40 20.55 6.32
CA ASP A 77 34.24 21.73 6.54
C ASP A 77 34.08 22.71 5.39
N GLU A 78 34.32 22.27 4.16
CA GLU A 78 34.17 23.16 2.99
C GLU A 78 32.71 23.60 2.78
N GLY A 79 31.76 22.77 3.14
CA GLY A 79 30.34 23.12 2.92
C GLY A 79 29.94 24.32 3.77
N LEU A 80 30.39 24.32 5.03
CA LEU A 80 30.08 25.43 5.92
C LEU A 80 30.74 26.72 5.47
N LYS A 81 31.94 26.62 4.90
CA LYS A 81 32.61 27.79 4.32
C LYS A 81 31.77 28.34 3.17
N ILE A 82 31.22 27.47 2.32
CA ILE A 82 30.36 27.91 1.22
C ILE A 82 29.10 28.58 1.80
N PHE A 83 28.48 27.95 2.79
CA PHE A 83 27.28 28.51 3.43
C PHE A 83 27.51 29.91 4.07
N ALA A 84 28.65 30.08 4.74
CA ALA A 84 29.00 31.39 5.31
C ALA A 84 29.06 32.45 4.23
N GLU A 85 29.64 32.10 3.08
CA GLU A 85 29.73 33.02 1.96
C GLU A 85 28.36 33.37 1.36
N VAL A 86 27.48 32.37 1.28
CA VAL A 86 26.10 32.58 0.81
C VAL A 86 25.36 33.59 1.71
N LYS A 87 25.46 33.38 3.02
CA LYS A 87 24.84 34.30 3.98
C LYS A 87 25.43 35.71 3.83
N ALA A 88 26.76 35.77 3.79
CA ALA A 88 27.46 37.05 3.65
C ALA A 88 27.05 37.76 2.35
N ARG A 89 27.02 37.03 1.24
CA ARG A 89 26.74 37.62 -0.07
C ARG A 89 25.28 38.00 -0.25
N PHE A 90 24.36 37.12 0.16
CA PHE A 90 22.93 37.36 -0.09
C PHE A 90 22.09 37.83 1.10
N GLY A 91 22.59 37.70 2.32
CA GLY A 91 21.76 38.01 3.50
C GLY A 91 20.61 37.02 3.71
N VAL A 92 20.70 35.83 3.12
CA VAL A 92 19.65 34.82 3.25
C VAL A 92 19.95 33.82 4.36
N PRO A 93 18.91 33.30 5.06
CA PRO A 93 19.13 32.19 5.98
C PRO A 93 19.31 30.89 5.21
N VAL A 94 19.95 29.90 5.82
CA VAL A 94 20.21 28.66 5.14
C VAL A 94 19.81 27.45 5.99
N ILE A 95 19.49 26.38 5.30
CA ILE A 95 19.08 25.15 5.94
C ILE A 95 19.91 24.05 5.35
N THR A 96 20.40 23.16 6.22
CA THR A 96 21.08 21.95 5.77
C THR A 96 20.76 20.73 6.64
N ASP A 97 21.04 19.55 6.11
CA ASP A 97 20.84 18.34 6.88
C ASP A 97 22.08 17.85 7.61
N VAL A 98 21.80 17.17 8.74
CA VAL A 98 22.82 16.71 9.67
C VAL A 98 22.69 15.19 9.82
N HIS A 99 23.77 14.47 9.52
CA HIS A 99 23.74 13.01 9.45
C HIS A 99 24.31 12.29 10.66
N GLU A 100 25.11 13.01 11.45
CA GLU A 100 25.78 12.43 12.59
C GLU A 100 25.71 13.41 13.75
N ALA A 101 25.56 12.88 14.95
CA ALA A 101 25.39 13.68 16.17
C ALA A 101 26.44 14.77 16.30
N GLU A 102 27.68 14.44 15.95
CA GLU A 102 28.81 15.33 16.21
C GLU A 102 28.82 16.53 15.23
N GLN A 103 28.06 16.44 14.15
CA GLN A 103 28.00 17.55 13.17
C GLN A 103 27.06 18.67 13.60
N ALA A 104 26.17 18.39 14.56
CA ALA A 104 25.08 19.34 14.88
C ALA A 104 25.59 20.69 15.37
N ALA A 105 26.50 20.66 16.33
CA ALA A 105 27.03 21.89 16.92
C ALA A 105 27.80 22.73 15.90
N PRO A 106 28.79 22.15 15.22
CA PRO A 106 29.46 22.97 14.18
C PRO A 106 28.51 23.44 13.06
N VAL A 107 27.57 22.61 12.63
CA VAL A 107 26.63 23.07 11.61
C VAL A 107 25.83 24.27 12.11
N ALA A 108 25.41 24.20 13.37
CA ALA A 108 24.53 25.25 13.96
C ALA A 108 25.20 26.61 14.10
N GLU A 109 26.53 26.65 14.01
CA GLU A 109 27.23 27.92 14.06
C GLU A 109 26.94 28.72 12.81
N ILE A 110 26.62 28.05 11.70
CA ILE A 110 26.43 28.73 10.42
C ILE A 110 24.99 28.62 9.92
N ALA A 111 24.45 27.41 9.95
CA ALA A 111 23.12 27.15 9.44
C ALA A 111 22.08 27.77 10.36
N ASP A 112 20.97 28.17 9.75
CA ASP A 112 19.87 28.82 10.43
C ASP A 112 18.73 27.84 10.76
N VAL A 113 18.67 26.72 10.03
CA VAL A 113 17.78 25.61 10.35
C VAL A 113 18.55 24.30 10.13
N LEU A 114 18.37 23.35 11.03
CA LEU A 114 19.04 22.05 10.96
C LEU A 114 17.98 21.01 10.62
N GLN A 115 18.23 20.18 9.62
CA GLN A 115 17.24 19.20 9.13
C GLN A 115 17.61 17.79 9.56
N VAL A 116 16.64 17.06 10.10
CA VAL A 116 16.76 15.63 10.40
C VAL A 116 16.44 14.82 9.13
N PRO A 117 17.43 14.08 8.58
CA PRO A 117 17.16 13.26 7.42
C PRO A 117 16.04 12.26 7.70
N ALA A 118 15.21 11.99 6.69
CA ALA A 118 14.02 11.15 6.88
C ALA A 118 14.36 9.79 7.49
N PHE A 119 15.35 9.10 6.93
CA PHE A 119 15.67 7.75 7.42
C PHE A 119 16.17 7.73 8.88
N LEU A 120 16.58 8.87 9.38
CA LEU A 120 17.18 8.96 10.70
C LEU A 120 16.28 9.60 11.71
N ALA A 121 15.03 9.81 11.36
CA ALA A 121 14.09 10.56 12.19
C ALA A 121 13.75 9.86 13.53
N ARG A 122 13.93 8.55 13.60
CA ARG A 122 13.69 7.84 14.83
C ARG A 122 14.94 7.68 15.71
N GLN A 123 16.12 8.03 15.19
CA GLN A 123 17.37 7.82 15.92
C GLN A 123 17.52 8.85 17.06
N THR A 124 17.29 8.38 18.28
CA THR A 124 17.25 9.23 19.44
C THR A 124 18.48 10.12 19.60
N ASP A 125 19.67 9.55 19.55
CA ASP A 125 20.89 10.33 19.79
C ASP A 125 21.13 11.44 18.75
N LEU A 126 20.77 11.18 17.51
CA LEU A 126 20.94 12.16 16.43
C LEU A 126 19.94 13.30 16.61
N VAL A 127 18.68 12.96 16.90
CA VAL A 127 17.64 13.96 17.06
C VAL A 127 17.92 14.84 18.30
N VAL A 128 18.40 14.24 19.37
CA VAL A 128 18.76 15.00 20.56
C VAL A 128 19.95 15.95 20.31
N ALA A 129 21.01 15.48 19.65
CA ALA A 129 22.15 16.36 19.30
C ALA A 129 21.74 17.52 18.37
N ILE A 130 20.89 17.24 17.40
CA ILE A 130 20.32 18.31 16.55
C ILE A 130 19.44 19.31 17.34
N ALA A 131 18.52 18.79 18.15
CA ALA A 131 17.66 19.63 18.98
C ALA A 131 18.44 20.49 19.98
N LYS A 132 19.49 19.94 20.59
CA LYS A 132 20.30 20.69 21.55
C LYS A 132 21.17 21.77 20.92
N ALA A 133 21.37 21.72 19.60
CA ALA A 133 22.25 22.66 18.92
C ALA A 133 21.69 24.11 18.88
N GLY A 134 20.40 24.28 19.17
CA GLY A 134 19.82 25.60 19.50
C GLY A 134 19.16 26.38 18.37
N LYS A 135 19.09 25.77 17.19
CA LYS A 135 18.43 26.37 16.06
C LYS A 135 17.13 25.60 15.75
N PRO A 136 16.18 26.23 15.04
CA PRO A 136 14.99 25.55 14.57
C PRO A 136 15.33 24.25 13.86
N VAL A 137 14.43 23.29 13.97
CA VAL A 137 14.68 21.94 13.44
C VAL A 137 13.61 21.59 12.41
N ASN A 138 14.02 21.09 11.25
CA ASN A 138 13.08 20.54 10.29
C ASN A 138 13.18 19.01 10.28
N VAL A 139 12.15 18.33 10.77
CA VAL A 139 12.11 16.87 10.77
C VAL A 139 11.48 16.39 9.46
N LYS A 140 12.24 15.64 8.66
CA LYS A 140 11.69 15.01 7.47
C LYS A 140 10.88 13.81 7.90
N LYS A 141 9.61 13.71 7.48
CA LYS A 141 8.76 12.54 7.77
C LYS A 141 9.12 11.40 6.83
N PRO A 142 9.66 10.29 7.37
CA PRO A 142 10.05 9.19 6.49
C PRO A 142 8.85 8.50 5.83
N GLN A 143 9.04 7.95 4.65
CA GLN A 143 7.89 7.38 3.91
C GLN A 143 7.18 6.22 4.63
N PHE A 144 7.85 5.59 5.59
CA PHE A 144 7.28 4.53 6.43
C PHE A 144 6.46 5.01 7.63
N MET A 145 6.58 6.29 8.00
CA MET A 145 5.93 6.80 9.21
C MET A 145 4.59 7.48 8.92
N SER A 146 3.56 7.09 9.65
CA SER A 146 2.26 7.72 9.56
C SER A 146 2.27 9.13 10.18
N PRO A 147 1.36 9.98 9.69
CA PRO A 147 1.43 11.37 10.07
C PRO A 147 1.19 11.62 11.56
N THR A 148 0.48 10.72 12.24
CA THR A 148 0.18 10.87 13.67
C THR A 148 1.31 10.38 14.59
N GLN A 149 2.39 9.87 14.01
CA GLN A 149 3.52 9.38 14.83
C GLN A 149 4.69 10.36 14.93
N LEU A 150 4.63 11.44 14.15
CA LEU A 150 5.70 12.42 14.13
C LEU A 150 5.81 13.13 15.47
N LYS A 151 4.69 13.21 16.20
CA LYS A 151 4.66 13.76 17.55
C LYS A 151 5.72 13.23 18.51
N HIS A 152 6.17 12.00 18.28
CA HIS A 152 7.21 11.43 19.16
C HIS A 152 8.55 12.09 18.95
N VAL A 153 8.82 12.46 17.71
CA VAL A 153 10.06 13.09 17.37
C VAL A 153 10.06 14.53 17.92
N VAL A 154 8.94 15.25 17.75
CA VAL A 154 8.76 16.63 18.28
C VAL A 154 8.91 16.64 19.80
N SER A 155 8.33 15.63 20.46
CA SER A 155 8.45 15.52 21.91
C SER A 155 9.88 15.26 22.30
N LYS A 156 10.62 14.43 21.55
CA LYS A 156 12.05 14.28 21.87
C LYS A 156 12.78 15.62 21.84
N CYS A 157 12.51 16.46 20.83
CA CYS A 157 13.15 17.77 20.72
C CYS A 157 12.77 18.65 21.93
N GLY A 158 11.49 18.64 22.30
CA GLY A 158 10.98 19.39 23.45
C GLY A 158 11.62 18.96 24.77
N GLU A 159 11.78 17.65 24.95
CA GLU A 159 12.43 17.09 26.14
C GLU A 159 13.84 17.62 26.34
N VAL A 160 14.52 18.03 25.27
CA VAL A 160 15.85 18.62 25.41
C VAL A 160 15.83 20.12 25.16
N GLY A 161 14.66 20.75 25.27
CA GLY A 161 14.57 22.21 25.30
C GLY A 161 14.39 22.95 23.98
N ASN A 162 14.09 22.24 22.89
CA ASN A 162 13.85 22.89 21.61
C ASN A 162 12.41 22.73 21.15
N ASP A 163 11.67 23.82 21.21
CA ASP A 163 10.27 23.86 20.84
C ASP A 163 10.07 24.43 19.45
N ARG A 164 11.16 24.69 18.73
CA ARG A 164 11.06 25.29 17.40
C ARG A 164 11.23 24.24 16.29
N VAL A 165 10.20 23.43 16.10
CA VAL A 165 10.26 22.30 15.23
C VAL A 165 9.26 22.45 14.11
N MET A 166 9.71 22.14 12.90
CA MET A 166 8.84 22.09 11.71
C MET A 166 8.85 20.67 11.13
N LEU A 167 7.80 20.31 10.39
CA LEU A 167 7.62 18.93 9.93
C LEU A 167 7.46 18.94 8.42
N CYS A 168 8.19 18.06 7.76
CA CYS A 168 8.31 18.12 6.32
C CYS A 168 7.83 16.84 5.63
N GLU A 169 6.76 16.98 4.86
CA GLU A 169 6.17 15.89 4.06
C GLU A 169 6.96 15.62 2.80
N ARG A 170 7.17 14.33 2.53
CA ARG A 170 7.92 13.85 1.38
C ARG A 170 7.26 12.63 0.74
N GLY A 171 6.03 12.29 1.13
CA GLY A 171 5.35 11.14 0.58
C GLY A 171 5.38 9.93 1.49
N SER A 172 4.53 8.97 1.17
CA SER A 172 4.40 7.71 1.89
C SER A 172 4.53 6.54 0.93
N SER A 173 5.08 5.43 1.44
CA SER A 173 5.30 4.23 0.64
C SER A 173 3.98 3.68 0.12
N PHE A 174 3.94 3.42 -1.19
CA PHE A 174 2.74 2.97 -1.83
C PHE A 174 3.12 1.80 -2.74
N GLY A 175 2.98 0.59 -2.23
CA GLY A 175 3.55 -0.58 -2.89
C GLY A 175 5.07 -0.44 -2.88
N TYR A 176 5.72 -1.07 -3.85
CA TYR A 176 7.16 -1.01 -3.91
C TYR A 176 7.59 0.22 -4.67
N ASP A 177 8.65 0.86 -4.20
CA ASP A 177 9.26 2.00 -4.87
C ASP A 177 8.39 3.27 -4.93
N ASN A 178 7.13 3.21 -5.37
CA ASN A 178 6.32 4.41 -5.51
C ASN A 178 5.98 5.09 -4.18
N LEU A 179 5.84 6.41 -4.25
CA LEU A 179 5.32 7.23 -3.15
C LEU A 179 4.04 7.93 -3.54
N VAL A 180 3.12 8.04 -2.59
CA VAL A 180 1.90 8.81 -2.76
C VAL A 180 1.89 9.87 -1.66
N VAL A 181 1.37 11.06 -1.97
CA VAL A 181 1.21 12.09 -0.98
C VAL A 181 -0.25 12.07 -0.51
N ASP A 182 -0.43 11.74 0.77
CA ASP A 182 -1.76 11.82 1.40
C ASP A 182 -1.98 13.26 1.88
N MET A 183 -2.87 13.98 1.19
CA MET A 183 -3.09 15.39 1.48
C MET A 183 -3.80 15.61 2.82
N LEU A 184 -4.37 14.54 3.38
CA LEU A 184 -4.92 14.59 4.73
C LEU A 184 -3.86 14.60 5.84
N GLY A 185 -2.62 14.19 5.53
CA GLY A 185 -1.57 14.16 6.55
C GLY A 185 -1.13 15.51 7.09
N PHE A 186 -1.25 16.56 6.29
CA PHE A 186 -0.76 17.86 6.72
C PHE A 186 -1.42 18.30 8.00
N ARG A 187 -2.75 18.27 8.03
CA ARG A 187 -3.46 18.67 9.22
C ARG A 187 -3.14 17.75 10.40
N GLN A 188 -3.02 16.45 10.13
CA GLN A 188 -2.79 15.51 11.23
C GLN A 188 -1.45 15.75 11.90
N MET A 189 -0.43 16.02 11.08
CA MET A 189 0.88 16.40 11.58
C MET A 189 0.78 17.67 12.45
N ALA A 190 0.12 18.69 11.92
CA ALA A 190 -0.03 19.96 12.64
C ALA A 190 -0.84 19.79 13.95
N GLU A 191 -2.00 19.16 13.86
CA GLU A 191 -2.89 19.09 15.03
C GLU A 191 -2.39 18.16 16.12
N THR A 192 -1.63 17.12 15.78
CA THR A 192 -1.15 16.20 16.81
C THR A 192 0.16 16.63 17.44
N THR A 193 0.74 17.75 16.98
CA THR A 193 2.04 18.21 17.49
C THR A 193 2.00 19.60 18.12
N GLY A 194 0.82 20.14 18.37
CA GLY A 194 0.71 21.47 18.97
C GLY A 194 0.80 22.57 17.95
N GLY A 195 0.61 22.25 16.67
CA GLY A 195 0.57 23.28 15.64
C GLY A 195 1.88 23.57 14.94
N CYS A 196 2.79 22.58 14.87
CA CYS A 196 4.05 22.78 14.17
C CYS A 196 3.84 23.23 12.71
N PRO A 197 4.67 24.16 12.21
CA PRO A 197 4.65 24.46 10.79
C PRO A 197 4.88 23.20 9.97
N VAL A 198 4.04 23.02 8.97
CA VAL A 198 4.14 21.90 8.05
C VAL A 198 4.61 22.41 6.68
N ILE A 199 5.56 21.67 6.13
CA ILE A 199 6.31 22.00 4.95
C ILE A 199 6.18 20.84 3.96
N PHE A 200 6.11 21.15 2.66
CA PHE A 200 5.88 20.10 1.65
C PHE A 200 6.99 20.06 0.59
N ASP A 201 7.73 18.95 0.58
CA ASP A 201 8.81 18.70 -0.38
C ASP A 201 8.19 18.12 -1.63
N VAL A 202 8.02 18.97 -2.65
CA VAL A 202 7.38 18.57 -3.89
C VAL A 202 8.40 17.87 -4.80
N THR A 203 9.69 17.98 -4.48
CA THR A 203 10.72 17.24 -5.22
C THR A 203 10.76 15.73 -4.89
N HIS A 204 11.10 15.40 -3.66
CA HIS A 204 11.30 14.00 -3.25
C HIS A 204 10.02 13.23 -3.47
N SER A 205 8.91 13.87 -3.08
CA SER A 205 7.58 13.27 -3.15
C SER A 205 7.22 12.57 -4.44
N LEU A 206 7.90 12.87 -5.54
CA LEU A 206 7.56 12.26 -6.85
C LEU A 206 8.26 10.92 -7.07
N GLN A 222 4.79 16.72 -13.49
CA GLN A 222 3.65 16.84 -12.60
C GLN A 222 3.97 17.56 -11.29
N VAL A 223 5.12 18.25 -11.21
CA VAL A 223 5.47 19.02 -10.01
C VAL A 223 4.38 20.07 -9.71
N LEU A 224 3.83 20.70 -10.75
CA LEU A 224 2.81 21.74 -10.56
C LEU A 224 1.51 21.18 -9.94
N ASP A 225 1.07 19.99 -10.37
CA ASP A 225 -0.17 19.41 -9.84
C ASP A 225 -0.07 19.23 -8.33
N LEU A 226 1.05 18.65 -7.92
CA LEU A 226 1.29 18.30 -6.56
C LEU A 226 1.46 19.57 -5.69
N ALA A 227 2.26 20.51 -6.20
CA ALA A 227 2.54 21.73 -5.47
C ALA A 227 1.25 22.54 -5.30
N ARG A 228 0.46 22.62 -6.36
CA ARG A 228 -0.83 23.34 -6.31
C ARG A 228 -1.74 22.71 -5.28
N ALA A 229 -1.80 21.37 -5.28
CA ALA A 229 -2.65 20.63 -4.33
C ALA A 229 -2.20 20.88 -2.90
N GLY A 230 -0.90 20.74 -2.62
CA GLY A 230 -0.38 20.93 -1.27
C GLY A 230 -0.58 22.34 -0.74
N ILE A 231 -0.19 23.32 -1.54
CA ILE A 231 -0.34 24.72 -1.15
CA ILE A 231 -0.33 24.73 -1.16
C ILE A 231 -1.79 25.11 -0.91
N ALA A 232 -2.72 24.55 -1.67
CA ALA A 232 -4.13 24.83 -1.49
C ALA A 232 -4.66 24.37 -0.15
N VAL A 233 -4.07 23.34 0.45
CA VAL A 233 -4.58 22.82 1.72
C VAL A 233 -4.38 23.85 2.84
N GLY A 234 -3.29 24.63 2.72
CA GLY A 234 -2.92 25.66 3.71
C GLY A 234 -1.77 25.18 4.58
N ILE A 235 -0.53 25.52 4.18
CA ILE A 235 0.67 25.03 4.82
C ILE A 235 1.69 26.14 5.01
N ALA A 236 2.68 25.86 5.83
CA ALA A 236 3.72 26.80 6.23
C ALA A 236 4.79 27.02 5.18
N GLY A 237 5.11 25.98 4.41
CA GLY A 237 6.22 26.04 3.46
C GLY A 237 6.23 25.05 2.31
N LEU A 238 7.02 25.40 1.31
CA LEU A 238 7.38 24.49 0.25
C LEU A 238 8.86 24.24 0.29
N PHE A 239 9.22 23.01 -0.06
CA PHE A 239 10.58 22.57 -0.10
C PHE A 239 10.88 22.09 -1.54
N LEU A 240 11.93 22.65 -2.11
CA LEU A 240 12.16 22.52 -3.53
C LEU A 240 13.65 22.44 -3.82
N GLU A 241 14.04 21.51 -4.67
CA GLU A 241 15.37 21.51 -5.27
C GLU A 241 15.25 21.80 -6.75
N ALA A 242 16.23 22.52 -7.27
CA ALA A 242 16.26 22.94 -8.65
C ALA A 242 17.66 22.83 -9.23
N HIS A 243 17.74 22.84 -10.54
CA HIS A 243 19.01 22.72 -11.22
C HIS A 243 18.83 23.23 -12.64
N PRO A 244 19.84 23.91 -13.22
CA PRO A 244 19.64 24.43 -14.58
C PRO A 244 19.39 23.35 -15.65
N ASP A 245 19.92 22.14 -15.45
CA ASP A 245 19.75 21.03 -16.42
C ASP A 245 19.52 19.69 -15.71
N PRO A 246 18.31 19.49 -15.16
CA PRO A 246 18.09 18.34 -14.29
C PRO A 246 18.25 16.97 -14.97
N ASP A 247 17.95 16.88 -16.27
CA ASP A 247 18.11 15.61 -17.02
C ASP A 247 19.53 15.05 -16.94
N ARG A 248 20.53 15.93 -16.90
CA ARG A 248 21.91 15.51 -16.91
C ARG A 248 22.48 15.34 -15.50
N ALA A 249 21.61 15.24 -14.51
CA ALA A 249 22.01 14.97 -13.13
C ALA A 249 22.85 13.69 -13.05
N ARG A 250 23.88 13.75 -12.21
CA ARG A 250 24.82 12.63 -12.01
C ARG A 250 24.33 11.75 -10.82
N CYS A 251 23.00 11.78 -10.64
CA CYS A 251 22.21 11.14 -9.57
C CYS A 251 21.25 10.17 -10.28
N ASP A 252 20.84 9.09 -9.62
CA ASP A 252 19.55 8.46 -9.98
C ASP A 252 18.40 8.91 -9.04
N GLY A 253 18.68 9.85 -8.14
CA GLY A 253 17.67 10.44 -7.26
C GLY A 253 16.55 11.16 -8.01
N PRO A 254 15.53 11.65 -7.27
CA PRO A 254 14.39 12.32 -7.94
C PRO A 254 14.82 13.61 -8.64
N SER A 255 14.21 13.89 -9.79
CA SER A 255 14.64 15.01 -10.62
C SER A 255 14.30 16.37 -9.99
N ALA A 256 15.27 17.27 -10.05
CA ALA A 256 15.09 18.64 -9.58
C ALA A 256 14.16 19.37 -10.54
N LEU A 257 13.56 20.46 -10.08
CA LEU A 257 12.86 21.39 -10.96
C LEU A 257 13.85 22.06 -11.92
N PRO A 258 13.51 22.16 -13.22
CA PRO A 258 14.39 23.01 -14.02
C PRO A 258 14.35 24.43 -13.46
N LEU A 259 15.52 25.04 -13.28
CA LEU A 259 15.63 26.34 -12.63
C LEU A 259 14.84 27.44 -13.35
N HIS A 260 14.83 27.38 -14.68
CA HIS A 260 14.13 28.36 -15.49
C HIS A 260 12.60 28.38 -15.27
N GLN A 261 12.05 27.31 -14.68
CA GLN A 261 10.61 27.27 -14.35
C GLN A 261 10.30 27.86 -12.95
N LEU A 262 11.31 28.30 -12.21
CA LEU A 262 11.12 28.74 -10.82
C LEU A 262 10.07 29.85 -10.66
N GLU A 263 10.15 30.90 -11.49
CA GLU A 263 9.23 32.02 -11.37
C GLU A 263 7.80 31.61 -11.69
N GLY A 264 7.60 30.88 -12.78
CA GLY A 264 6.28 30.43 -13.16
C GLY A 264 5.63 29.58 -12.08
N LEU A 265 6.41 28.68 -11.49
CA LEU A 265 5.89 27.84 -10.43
C LEU A 265 5.53 28.68 -9.22
N LEU A 266 6.46 29.54 -8.81
CA LEU A 266 6.28 30.31 -7.60
C LEU A 266 5.18 31.38 -7.70
N SER A 267 4.94 31.93 -8.89
CA SER A 267 3.85 32.90 -9.02
C SER A 267 2.52 32.20 -8.78
N GLN A 268 2.37 30.97 -9.27
CA GLN A 268 1.14 30.21 -9.02
C GLN A 268 0.99 29.82 -7.54
N MET A 269 2.11 29.47 -6.92
CA MET A 269 2.09 29.16 -5.49
C MET A 269 1.65 30.38 -4.67
N LYS A 270 2.24 31.53 -4.95
CA LYS A 270 1.87 32.76 -4.24
C LYS A 270 0.39 33.07 -4.39
N ALA A 271 -0.14 32.97 -5.62
CA ALA A 271 -1.54 33.36 -5.86
C ALA A 271 -2.45 32.46 -5.06
N ILE A 272 -2.17 31.16 -5.07
CA ILE A 272 -3.05 30.23 -4.37
C ILE A 272 -2.94 30.40 -2.87
N ASP A 273 -1.72 30.55 -2.38
CA ASP A 273 -1.45 30.67 -0.95
C ASP A 273 -2.09 31.93 -0.39
N ASP A 274 -1.91 33.05 -1.07
CA ASP A 274 -2.53 34.31 -0.66
C ASP A 274 -4.05 34.17 -0.59
N LEU A 275 -4.66 33.50 -1.57
CA LEU A 275 -6.10 33.29 -1.55
C LEU A 275 -6.50 32.42 -0.35
N VAL A 276 -5.95 31.22 -0.21
CA VAL A 276 -6.46 30.31 0.82
C VAL A 276 -6.13 30.78 2.26
N LYS A 277 -5.02 31.49 2.44
CA LYS A 277 -4.65 31.97 3.77
C LYS A 277 -5.62 33.02 4.34
N ARG A 278 -6.53 33.54 3.51
CA ARG A 278 -7.57 34.42 4.02
C ARG A 278 -8.98 33.81 3.93
N MET A 279 -9.08 32.49 3.79
CA MET A 279 -10.35 31.75 3.90
C MET A 279 -10.43 30.99 5.22
N PRO A 280 -11.63 30.94 5.87
CA PRO A 280 -11.77 30.28 7.18
C PRO A 280 -11.96 28.76 7.13
N ALA A 281 -12.28 28.18 8.29
CA ALA A 281 -12.76 26.79 8.39
C ALA A 281 -14.27 26.79 8.17
N LEU A 282 -14.82 25.63 7.79
CA LEU A 282 -16.26 25.53 7.50
C LEU A 282 -17.13 25.86 8.72
N SER B 4 22.72 -21.40 -2.00
CA SER B 4 23.58 -20.48 -2.86
C SER B 4 25.03 -20.24 -2.34
N MET B 5 25.30 -19.06 -1.76
CA MET B 5 26.52 -18.81 -1.01
C MET B 5 26.26 -19.23 0.45
N ASN B 6 27.27 -19.74 1.14
CA ASN B 6 27.10 -20.10 2.53
C ASN B 6 27.96 -19.17 3.36
N VAL B 7 27.48 -18.80 4.54
CA VAL B 7 28.19 -17.92 5.42
C VAL B 7 28.53 -18.68 6.70
N ALA B 8 29.84 -18.89 6.87
CA ALA B 8 30.42 -19.53 8.02
C ALA B 8 30.37 -18.57 9.18
N ILE B 9 29.54 -18.86 10.18
CA ILE B 9 29.38 -17.98 11.34
C ILE B 9 30.32 -18.41 12.47
N SER B 10 30.32 -19.69 12.76
CA SER B 10 31.21 -20.23 13.79
C SER B 10 31.36 -21.70 13.53
N PRO B 11 32.31 -22.36 14.23
CA PRO B 11 32.43 -23.78 13.91
C PRO B 11 31.10 -24.55 14.09
N GLY B 12 30.61 -25.21 13.05
CA GLY B 12 29.33 -25.93 13.14
C GLY B 12 28.04 -25.09 13.01
N VAL B 13 28.18 -23.79 12.74
CA VAL B 13 27.03 -22.96 12.41
C VAL B 13 27.37 -22.26 11.11
N THR B 14 26.67 -22.68 10.05
CA THR B 14 26.79 -22.13 8.70
C THR B 14 25.39 -21.89 8.13
N ALA B 15 25.16 -20.70 7.63
CA ALA B 15 23.88 -20.27 7.12
C ALA B 15 23.92 -20.32 5.62
N GLY B 16 22.88 -20.87 5.01
CA GLY B 16 22.81 -20.92 3.52
C GLY B 16 21.41 -21.33 3.09
N ASN B 17 20.96 -20.80 1.96
CA ASN B 17 19.56 -21.00 1.52
C ASN B 17 19.23 -22.49 1.21
N SER B 18 20.25 -23.29 0.90
CA SER B 18 20.08 -24.71 0.66
C SER B 18 20.42 -25.59 1.89
N LEU B 19 20.86 -24.96 2.98
CA LEU B 19 21.29 -25.68 4.17
C LEU B 19 20.16 -25.73 5.19
N PRO B 20 20.25 -26.65 6.16
CA PRO B 20 19.31 -26.62 7.27
C PRO B 20 19.27 -25.23 7.88
N PHE B 21 18.08 -24.78 8.24
CA PHE B 21 17.89 -23.42 8.68
C PHE B 21 18.63 -23.18 10.02
N VAL B 22 19.15 -21.98 10.20
CA VAL B 22 19.78 -21.50 11.44
C VAL B 22 18.79 -20.64 12.20
N LEU B 23 18.63 -20.90 13.49
CA LEU B 23 17.84 -20.02 14.35
C LEU B 23 18.74 -18.91 14.86
N PHE B 24 18.38 -17.69 14.51
CA PHE B 24 18.90 -16.49 15.19
C PHE B 24 17.85 -16.09 16.21
N GLY B 25 18.08 -16.49 17.45
CA GLY B 25 17.04 -16.41 18.45
C GLY B 25 17.52 -15.78 19.72
N GLY B 26 16.65 -15.01 20.33
CA GLY B 26 16.97 -14.41 21.62
C GLY B 26 15.90 -13.49 22.13
N ILE B 27 16.32 -12.29 22.48
CA ILE B 27 15.50 -11.35 23.23
C ILE B 27 15.66 -9.95 22.61
N ASN B 28 14.74 -9.05 22.92
CA ASN B 28 14.74 -7.67 22.36
C ASN B 28 16.02 -6.94 22.71
N VAL B 29 16.31 -6.85 24.01
CA VAL B 29 17.42 -6.02 24.49
C VAL B 29 18.02 -6.59 25.78
N LEU B 30 19.34 -6.48 25.94
CA LEU B 30 20.03 -6.89 27.15
C LEU B 30 19.67 -5.97 28.30
N GLU B 31 19.17 -6.56 29.40
CA GLU B 31 18.80 -5.83 30.61
C GLU B 31 19.67 -6.22 31.81
N SER B 32 19.91 -7.52 31.95
CA SER B 32 20.73 -8.02 33.07
C SER B 32 21.38 -9.32 32.68
N LEU B 33 22.49 -9.64 33.33
CA LEU B 33 23.15 -10.92 33.12
C LEU B 33 22.21 -12.08 33.45
N ASP B 34 21.60 -11.99 34.63
CA ASP B 34 20.71 -13.04 35.14
C ASP B 34 19.67 -13.44 34.12
N PHE B 35 18.90 -12.45 33.68
CA PHE B 35 17.82 -12.69 32.73
C PHE B 35 18.33 -13.19 31.37
N THR B 36 19.43 -12.60 30.88
CA THR B 36 20.01 -13.01 29.61
C THR B 36 20.37 -14.49 29.65
N LEU B 37 21.02 -14.88 30.74
CA LEU B 37 21.46 -16.27 30.90
C LEU B 37 20.30 -17.23 31.03
N ASP B 38 19.25 -16.80 31.71
CA ASP B 38 18.02 -17.57 31.88
C ASP B 38 17.39 -17.90 30.50
N VAL B 39 17.24 -16.88 29.65
CA VAL B 39 16.58 -17.07 28.37
C VAL B 39 17.46 -17.81 27.38
N CYS B 40 18.72 -17.44 27.28
CA CYS B 40 19.62 -18.06 26.35
C CYS B 40 19.78 -19.54 26.70
N GLY B 41 19.93 -19.82 27.99
CA GLY B 41 20.04 -21.20 28.46
C GLY B 41 18.88 -22.05 27.96
N GLU B 42 17.69 -21.47 27.92
CA GLU B 42 16.54 -22.16 27.43
C GLU B 42 16.64 -22.40 25.91
N TYR B 43 16.98 -21.37 25.15
CA TYR B 43 17.18 -21.53 23.70
C TYR B 43 18.21 -22.61 23.42
N VAL B 44 19.34 -22.56 24.14
CA VAL B 44 20.43 -23.52 23.94
C VAL B 44 19.98 -24.97 24.16
N ALA B 45 19.25 -25.21 25.25
CA ALA B 45 18.76 -26.56 25.55
C ALA B 45 17.72 -27.06 24.55
N VAL B 46 16.83 -26.19 24.09
CA VAL B 46 15.84 -26.61 23.08
C VAL B 46 16.51 -26.89 21.72
N THR B 47 17.35 -25.96 21.25
CA THR B 47 18.06 -26.18 19.96
C THR B 47 18.99 -27.43 19.99
N ARG B 48 19.64 -27.68 21.12
CA ARG B 48 20.51 -28.86 21.24
C ARG B 48 19.66 -30.12 21.14
N LYS B 49 18.54 -30.15 21.86
CA LYS B 49 17.61 -31.28 21.87
C LYS B 49 17.13 -31.57 20.44
N LEU B 50 16.70 -30.53 19.73
CA LEU B 50 16.07 -30.72 18.41
C LEU B 50 17.11 -30.87 17.27
N GLY B 51 18.34 -30.45 17.50
CA GLY B 51 19.41 -30.50 16.48
C GLY B 51 19.39 -29.33 15.51
N ILE B 52 19.15 -28.11 16.01
CA ILE B 52 19.00 -26.94 15.16
C ILE B 52 20.13 -25.97 15.45
N PRO B 53 20.88 -25.56 14.40
CA PRO B 53 21.98 -24.63 14.62
C PRO B 53 21.48 -23.32 15.21
N PHE B 54 22.25 -22.73 16.14
CA PHE B 54 21.72 -21.63 16.95
C PHE B 54 22.71 -20.49 17.11
N VAL B 55 22.21 -19.26 16.94
CA VAL B 55 22.97 -18.03 17.19
C VAL B 55 22.13 -17.22 18.14
N PHE B 56 22.70 -16.83 19.27
CA PHE B 56 21.97 -16.00 20.23
C PHE B 56 21.91 -14.53 19.83
N LYS B 57 20.72 -13.96 19.87
CA LYS B 57 20.45 -12.60 19.41
C LYS B 57 20.03 -11.68 20.55
N ALA B 58 20.60 -10.48 20.58
CA ALA B 58 20.10 -9.41 21.45
C ALA B 58 20.72 -8.08 21.07
N SER B 59 19.99 -6.99 21.28
CA SER B 59 20.55 -5.66 21.17
C SER B 59 21.18 -5.25 22.47
N PHE B 60 22.25 -4.46 22.42
CA PHE B 60 22.80 -3.82 23.61
C PHE B 60 22.24 -2.41 23.86
N ASP B 61 21.60 -1.84 22.84
CA ASP B 61 21.01 -0.51 22.92
C ASP B 61 19.75 -0.44 22.05
N LYS B 62 18.71 0.21 22.53
CA LYS B 62 17.57 0.48 21.70
C LYS B 62 17.66 1.96 21.29
N ALA B 63 18.16 2.17 20.09
CA ALA B 63 18.61 3.51 19.65
C ALA B 63 17.47 4.36 19.09
N ASN B 64 16.30 3.74 18.93
CA ASN B 64 15.19 4.37 18.22
C ASN B 64 13.86 4.29 18.95
N ARG B 65 13.90 4.54 20.26
CA ARG B 65 12.74 4.51 21.15
C ARG B 65 12.15 5.92 21.32
N SER B 66 10.89 6.01 21.77
CA SER B 66 10.03 7.19 21.56
C SER B 66 10.28 8.40 22.50
N SER B 67 10.98 8.17 23.60
CA SER B 67 11.32 9.24 24.54
C SER B 67 12.76 9.08 24.97
N ILE B 68 13.43 10.18 25.27
CA ILE B 68 14.82 10.09 25.71
C ILE B 68 14.95 9.50 27.14
N HIS B 69 13.81 9.33 27.81
CA HIS B 69 13.76 8.68 29.13
C HIS B 69 13.28 7.22 29.06
N SER B 70 12.81 6.77 27.89
CA SER B 70 12.49 5.36 27.69
C SER B 70 13.76 4.50 27.85
N TYR B 71 13.61 3.37 28.55
CA TYR B 71 14.73 2.49 28.87
C TYR B 71 15.41 1.97 27.60
N ARG B 72 16.73 2.07 27.55
CA ARG B 72 17.48 1.79 26.31
C ARG B 72 18.30 0.49 26.31
N GLY B 73 18.29 -0.22 27.43
CA GLY B 73 19.12 -1.42 27.60
C GLY B 73 20.40 -1.06 28.30
N VAL B 74 21.26 -2.04 28.54
CA VAL B 74 22.44 -1.84 29.39
C VAL B 74 23.52 -0.98 28.74
N GLY B 75 23.48 -0.85 27.42
CA GLY B 75 24.46 -0.06 26.69
C GLY B 75 25.66 -0.90 26.24
N LEU B 76 26.50 -0.29 25.41
CA LEU B 76 27.63 -0.98 24.80
C LEU B 76 28.55 -1.75 25.75
N ASP B 77 29.14 -1.05 26.73
CA ASP B 77 30.27 -1.63 27.51
C ASP B 77 29.81 -2.85 28.30
N GLU B 78 28.66 -2.69 28.95
CA GLU B 78 28.06 -3.73 29.76
C GLU B 78 27.48 -4.84 28.86
N GLY B 79 26.91 -4.45 27.72
CA GLY B 79 26.28 -5.41 26.82
C GLY B 79 27.32 -6.40 26.27
N LEU B 80 28.47 -5.87 25.88
CA LEU B 80 29.57 -6.72 25.45
C LEU B 80 30.08 -7.65 26.55
N LYS B 81 30.01 -7.22 27.82
CA LYS B 81 30.42 -8.09 28.93
C LYS B 81 29.44 -9.23 29.04
N ILE B 82 28.15 -8.91 28.97
CA ILE B 82 27.14 -9.95 28.97
C ILE B 82 27.34 -10.92 27.80
N PHE B 83 27.60 -10.40 26.60
CA PHE B 83 27.83 -11.28 25.46
C PHE B 83 29.05 -12.16 25.66
N ALA B 84 30.10 -11.63 26.29
CA ALA B 84 31.28 -12.47 26.55
C ALA B 84 30.95 -13.62 27.51
N GLU B 85 30.07 -13.37 28.48
CA GLU B 85 29.67 -14.41 29.44
C GLU B 85 28.84 -15.46 28.73
N VAL B 86 27.88 -15.00 27.93
CA VAL B 86 27.05 -15.89 27.16
C VAL B 86 27.90 -16.86 26.34
N LYS B 87 28.92 -16.32 25.65
CA LYS B 87 29.79 -17.11 24.79
C LYS B 87 30.61 -18.11 25.61
N ALA B 88 31.21 -17.62 26.70
CA ALA B 88 32.05 -18.42 27.58
C ALA B 88 31.26 -19.59 28.16
N ARG B 89 30.03 -19.32 28.60
CA ARG B 89 29.26 -20.32 29.33
C ARG B 89 28.59 -21.35 28.42
N PHE B 90 28.03 -20.88 27.31
CA PHE B 90 27.27 -21.75 26.41
C PHE B 90 28.00 -22.16 25.15
N GLY B 91 29.07 -21.46 24.77
CA GLY B 91 29.79 -21.79 23.55
C GLY B 91 28.97 -21.52 22.28
N VAL B 92 27.97 -20.65 22.39
CA VAL B 92 27.11 -20.27 21.29
C VAL B 92 27.61 -18.93 20.70
N PRO B 93 27.48 -18.75 19.37
CA PRO B 93 27.86 -17.48 18.78
C PRO B 93 26.72 -16.49 18.98
N VAL B 94 27.02 -15.19 18.86
CA VAL B 94 26.02 -14.16 19.14
C VAL B 94 25.93 -13.14 18.01
N ILE B 95 24.75 -12.56 17.88
CA ILE B 95 24.54 -11.51 16.89
C ILE B 95 23.96 -10.32 17.59
N THR B 96 24.42 -9.12 17.21
CA THR B 96 23.91 -7.88 17.76
C THR B 96 23.95 -6.79 16.72
N ASP B 97 23.11 -5.77 16.89
CA ASP B 97 23.08 -4.63 15.97
C ASP B 97 23.94 -3.44 16.36
N VAL B 98 24.38 -2.71 15.36
CA VAL B 98 25.36 -1.63 15.53
C VAL B 98 24.77 -0.34 14.95
N HIS B 99 24.71 0.69 15.77
CA HIS B 99 24.02 1.94 15.41
C HIS B 99 24.91 3.10 15.02
N GLU B 100 26.19 3.00 15.39
CA GLU B 100 27.16 4.06 15.16
C GLU B 100 28.47 3.44 14.63
N ALA B 101 29.08 4.10 13.66
CA ALA B 101 30.31 3.59 13.03
C ALA B 101 31.38 3.14 14.02
N GLU B 102 31.63 3.94 15.06
CA GLU B 102 32.74 3.66 15.97
C GLU B 102 32.47 2.48 16.91
N GLN B 103 31.20 2.09 17.03
CA GLN B 103 30.86 0.88 17.76
C GLN B 103 31.29 -0.40 17.03
N ALA B 104 31.48 -0.36 15.72
CA ALA B 104 31.64 -1.61 14.97
C ALA B 104 32.89 -2.37 15.38
N ALA B 105 34.03 -1.70 15.40
CA ALA B 105 35.30 -2.37 15.80
C ALA B 105 35.18 -3.02 17.19
N PRO B 106 34.79 -2.26 18.22
CA PRO B 106 34.59 -2.86 19.55
C PRO B 106 33.63 -4.05 19.57
N VAL B 107 32.49 -3.91 18.87
CA VAL B 107 31.50 -4.97 18.85
C VAL B 107 32.06 -6.23 18.21
N ALA B 108 32.81 -6.07 17.12
CA ALA B 108 33.31 -7.21 16.39
C ALA B 108 34.37 -8.01 17.17
N GLU B 109 34.93 -7.45 18.25
CA GLU B 109 35.84 -8.22 19.11
CA GLU B 109 35.85 -8.22 19.10
C GLU B 109 35.09 -9.35 19.78
N ILE B 110 33.84 -9.09 20.16
CA ILE B 110 33.00 -10.06 20.87
C ILE B 110 31.92 -10.75 20.01
N ALA B 111 31.15 -9.97 19.25
CA ALA B 111 30.03 -10.54 18.47
C ALA B 111 30.51 -11.33 17.25
N ASP B 112 29.77 -12.38 16.90
CA ASP B 112 30.11 -13.24 15.76
C ASP B 112 29.41 -12.83 14.46
N VAL B 113 28.31 -12.06 14.57
CA VAL B 113 27.66 -11.45 13.41
C VAL B 113 27.29 -10.03 13.77
N LEU B 114 27.59 -9.05 12.91
CA LEU B 114 27.09 -7.68 13.11
C LEU B 114 25.88 -7.38 12.24
N GLN B 115 24.86 -6.81 12.85
CA GLN B 115 23.63 -6.47 12.14
C GLN B 115 23.51 -4.96 11.87
N VAL B 116 23.12 -4.63 10.64
CA VAL B 116 22.75 -3.27 10.26
C VAL B 116 21.25 -3.03 10.52
N PRO B 117 20.93 -2.06 11.36
CA PRO B 117 19.54 -1.80 11.65
C PRO B 117 18.83 -1.36 10.40
N ALA B 118 17.55 -1.73 10.30
CA ALA B 118 16.76 -1.50 9.09
C ALA B 118 16.76 -0.06 8.62
N PHE B 119 16.57 0.89 9.55
CA PHE B 119 16.46 2.27 9.17
C PHE B 119 17.81 2.86 8.71
N LEU B 120 18.93 2.20 9.06
CA LEU B 120 20.26 2.69 8.71
C LEU B 120 20.88 2.00 7.50
N ALA B 121 20.12 1.15 6.81
CA ALA B 121 20.69 0.26 5.79
C ALA B 121 21.33 1.01 4.61
N ARG B 122 20.84 2.21 4.34
CA ARG B 122 21.36 3.03 3.25
C ARG B 122 22.43 4.01 3.66
N GLN B 123 22.77 4.07 4.94
CA GLN B 123 23.77 5.02 5.38
C GLN B 123 25.14 4.49 5.06
N THR B 124 25.79 5.10 4.08
CA THR B 124 27.09 4.61 3.61
C THR B 124 28.13 4.44 4.68
N ASP B 125 28.35 5.45 5.52
CA ASP B 125 29.45 5.36 6.50
C ASP B 125 29.22 4.26 7.57
N LEU B 126 27.99 4.08 8.04
CA LEU B 126 27.72 3.02 9.04
C LEU B 126 27.94 1.65 8.45
N VAL B 127 27.44 1.42 7.23
CA VAL B 127 27.52 0.11 6.59
C VAL B 127 28.98 -0.26 6.31
N VAL B 128 29.76 0.72 5.83
CA VAL B 128 31.18 0.52 5.57
C VAL B 128 31.99 0.20 6.85
N ALA B 129 31.73 0.91 7.94
CA ALA B 129 32.37 0.62 9.23
C ALA B 129 32.02 -0.78 9.71
N ILE B 130 30.76 -1.14 9.59
CA ILE B 130 30.33 -2.49 9.95
C ILE B 130 31.01 -3.56 9.07
N ALA B 131 30.97 -3.38 7.75
CA ALA B 131 31.61 -4.32 6.83
C ALA B 131 33.10 -4.42 7.11
N LYS B 132 33.75 -3.27 7.33
CA LYS B 132 35.20 -3.27 7.64
C LYS B 132 35.59 -4.01 8.92
N ALA B 133 34.66 -4.19 9.86
CA ALA B 133 35.02 -4.80 11.15
C ALA B 133 35.32 -6.29 11.03
N GLY B 134 34.95 -6.91 9.91
CA GLY B 134 35.48 -8.22 9.55
C GLY B 134 34.67 -9.44 9.99
N LYS B 135 33.47 -9.24 10.51
CA LYS B 135 32.60 -10.36 10.84
C LYS B 135 31.52 -10.42 9.77
N PRO B 136 30.83 -11.57 9.66
CA PRO B 136 29.65 -11.61 8.83
C PRO B 136 28.66 -10.51 9.19
N VAL B 137 27.94 -10.04 8.19
CA VAL B 137 27.01 -8.93 8.32
C VAL B 137 25.60 -9.41 8.02
N ASN B 138 24.69 -9.12 8.92
CA ASN B 138 23.26 -9.28 8.65
C ASN B 138 22.62 -7.93 8.31
N VAL B 139 22.09 -7.77 7.11
CA VAL B 139 21.44 -6.52 6.70
C VAL B 139 19.93 -6.65 6.83
N LYS B 140 19.33 -5.83 7.70
CA LYS B 140 17.88 -5.83 7.83
C LYS B 140 17.27 -5.04 6.68
N LYS B 141 16.34 -5.63 5.93
CA LYS B 141 15.64 -4.95 4.84
C LYS B 141 14.61 -4.00 5.42
N PRO B 142 14.77 -2.68 5.18
CA PRO B 142 13.77 -1.73 5.72
C PRO B 142 12.41 -1.94 5.08
N GLN B 143 11.36 -1.60 5.82
CA GLN B 143 10.00 -1.72 5.32
C GLN B 143 9.70 -0.90 4.06
N PHE B 144 10.50 0.15 3.82
CA PHE B 144 10.37 1.00 2.64
C PHE B 144 11.12 0.50 1.40
N MET B 145 11.93 -0.54 1.54
CA MET B 145 12.82 -0.95 0.44
C MET B 145 12.28 -2.17 -0.27
N SER B 146 12.31 -2.14 -1.60
CA SER B 146 11.88 -3.29 -2.36
C SER B 146 12.99 -4.36 -2.38
N PRO B 147 12.61 -5.63 -2.57
CA PRO B 147 13.55 -6.72 -2.38
C PRO B 147 14.76 -6.66 -3.31
N THR B 148 14.58 -6.07 -4.49
CA THR B 148 15.61 -6.03 -5.52
C THR B 148 16.65 -4.93 -5.32
N GLN B 149 16.40 -4.04 -4.36
CA GLN B 149 17.30 -2.92 -4.05
C GLN B 149 18.31 -3.19 -2.95
N LEU B 150 18.14 -4.28 -2.21
CA LEU B 150 19.07 -4.62 -1.13
C LEU B 150 20.48 -4.91 -1.66
N LYS B 151 20.59 -5.31 -2.92
CA LYS B 151 21.88 -5.52 -3.56
C LYS B 151 22.89 -4.38 -3.39
N HIS B 152 22.42 -3.14 -3.32
CA HIS B 152 23.36 -2.02 -3.23
C HIS B 152 24.06 -1.98 -1.88
N VAL B 153 23.36 -2.40 -0.82
CA VAL B 153 23.93 -2.48 0.51
C VAL B 153 24.94 -3.62 0.53
N VAL B 154 24.58 -4.76 -0.06
CA VAL B 154 25.52 -5.90 -0.14
C VAL B 154 26.78 -5.52 -0.94
N SER B 155 26.60 -4.81 -2.05
CA SER B 155 27.76 -4.37 -2.81
C SER B 155 28.67 -3.42 -2.03
N LYS B 156 28.11 -2.53 -1.21
CA LYS B 156 28.95 -1.65 -0.36
C LYS B 156 29.82 -2.48 0.57
N CYS B 157 29.23 -3.49 1.19
CA CYS B 157 30.02 -4.43 2.00
C CYS B 157 31.14 -5.06 1.15
N GLY B 158 30.79 -5.53 -0.05
CA GLY B 158 31.76 -6.13 -0.97
C GLY B 158 32.87 -5.19 -1.40
N GLU B 159 32.51 -3.92 -1.62
CA GLU B 159 33.45 -2.87 -2.04
C GLU B 159 34.56 -2.72 -0.98
N VAL B 160 34.28 -3.04 0.29
CA VAL B 160 35.34 -2.96 1.30
C VAL B 160 35.82 -4.31 1.80
N GLY B 161 35.55 -5.37 1.07
CA GLY B 161 36.22 -6.64 1.30
C GLY B 161 35.42 -7.64 2.10
N ASN B 162 34.16 -7.32 2.40
CA ASN B 162 33.36 -8.23 3.17
C ASN B 162 32.29 -8.91 2.30
N ASP B 163 32.51 -10.20 2.04
CA ASP B 163 31.64 -10.96 1.17
C ASP B 163 30.71 -11.87 1.96
N ARG B 164 30.79 -11.83 3.30
CA ARG B 164 29.91 -12.65 4.14
C ARG B 164 28.71 -11.86 4.60
N VAL B 165 27.70 -11.79 3.75
CA VAL B 165 26.52 -10.95 3.99
C VAL B 165 25.25 -11.80 3.89
N MET B 166 24.40 -11.61 4.87
CA MET B 166 23.09 -12.20 4.92
C MET B 166 22.07 -11.07 4.92
N LEU B 167 20.85 -11.42 4.51
CA LEU B 167 19.76 -10.48 4.35
C LEU B 167 18.58 -10.93 5.17
N CYS B 168 17.91 -9.97 5.80
CA CYS B 168 16.89 -10.27 6.77
C CYS B 168 15.56 -9.53 6.49
N GLU B 169 14.55 -10.34 6.18
CA GLU B 169 13.19 -9.89 5.95
C GLU B 169 12.46 -9.59 7.26
N ARG B 170 11.82 -8.42 7.32
CA ARG B 170 10.97 -8.03 8.45
C ARG B 170 9.62 -7.37 8.05
N GLY B 171 9.19 -7.52 6.80
CA GLY B 171 7.92 -6.97 6.35
C GLY B 171 8.08 -5.70 5.54
N SER B 172 7.00 -5.28 4.90
CA SER B 172 7.00 -4.15 4.01
C SER B 172 5.82 -3.30 4.38
N SER B 173 5.97 -1.99 4.24
CA SER B 173 4.92 -1.05 4.60
C SER B 173 3.68 -1.31 3.81
N PHE B 174 2.56 -1.45 4.53
CA PHE B 174 1.28 -1.71 3.91
C PHE B 174 0.26 -0.73 4.46
N GLY B 175 0.03 0.36 3.74
CA GLY B 175 -0.76 1.46 4.27
C GLY B 175 -0.05 2.01 5.47
N TYR B 176 -0.78 2.62 6.40
CA TYR B 176 -0.16 3.24 7.56
C TYR B 176 0.03 2.21 8.64
N ASP B 177 1.22 2.27 9.25
CA ASP B 177 1.62 1.46 10.38
C ASP B 177 1.81 -0.04 10.04
N ASN B 178 0.82 -0.68 9.45
CA ASN B 178 0.90 -2.12 9.26
CA ASN B 178 0.86 -2.12 9.21
C ASN B 178 2.01 -2.57 8.31
N LEU B 179 2.43 -3.82 8.51
CA LEU B 179 3.42 -4.47 7.67
C LEU B 179 2.77 -5.74 7.09
N VAL B 180 3.18 -6.12 5.88
CA VAL B 180 2.77 -7.38 5.24
C VAL B 180 4.06 -8.01 4.74
N VAL B 181 4.19 -9.32 4.87
CA VAL B 181 5.36 -10.02 4.33
C VAL B 181 4.99 -10.55 2.92
N ASP B 182 5.69 -10.05 1.91
CA ASP B 182 5.62 -10.58 0.58
C ASP B 182 6.54 -11.80 0.46
N MET B 183 5.95 -12.98 0.47
CA MET B 183 6.75 -14.22 0.43
C MET B 183 7.57 -14.36 -0.89
N LEU B 184 7.22 -13.63 -1.93
CA LEU B 184 8.02 -13.66 -3.17
C LEU B 184 9.39 -12.92 -3.03
N GLY B 185 9.52 -12.12 -1.98
CA GLY B 185 10.72 -11.32 -1.78
C GLY B 185 11.96 -12.13 -1.46
N PHE B 186 11.79 -13.26 -0.79
CA PHE B 186 12.96 -14.05 -0.40
C PHE B 186 13.83 -14.41 -1.62
N ARG B 187 13.19 -14.94 -2.65
CA ARG B 187 13.92 -15.34 -3.83
C ARG B 187 14.50 -14.15 -4.57
N GLN B 188 13.78 -13.03 -4.62
CA GLN B 188 14.32 -11.84 -5.26
C GLN B 188 15.57 -11.31 -4.56
N MET B 189 15.56 -11.37 -3.24
CA MET B 189 16.69 -10.92 -2.44
C MET B 189 17.89 -11.80 -2.73
N ALA B 190 17.68 -13.11 -2.69
CA ALA B 190 18.74 -14.10 -2.95
C ALA B 190 19.32 -14.03 -4.36
N GLU B 191 18.46 -13.97 -5.37
CA GLU B 191 18.89 -14.02 -6.76
C GLU B 191 19.54 -12.73 -7.27
N THR B 192 19.15 -11.58 -6.76
CA THR B 192 19.77 -10.34 -7.19
C THR B 192 21.05 -10.00 -6.39
N THR B 193 21.43 -10.82 -5.39
CA THR B 193 22.64 -10.56 -4.60
C THR B 193 23.69 -11.66 -4.67
N GLY B 194 23.62 -12.50 -5.69
CA GLY B 194 24.57 -13.59 -5.81
C GLY B 194 24.29 -14.76 -4.86
N GLY B 195 23.07 -14.84 -4.32
CA GLY B 195 22.66 -15.98 -3.48
C GLY B 195 22.98 -15.82 -1.99
N CYS B 196 22.97 -14.59 -1.46
CA CYS B 196 23.17 -14.37 -0.04
C CYS B 196 22.09 -15.14 0.73
N PRO B 197 22.46 -15.71 1.89
CA PRO B 197 21.48 -16.30 2.78
C PRO B 197 20.39 -15.31 3.17
N VAL B 198 19.14 -15.76 3.13
CA VAL B 198 18.00 -14.94 3.49
C VAL B 198 17.40 -15.46 4.80
N ILE B 199 17.08 -14.53 5.69
CA ILE B 199 16.63 -14.81 7.03
C ILE B 199 15.31 -14.10 7.23
N PHE B 200 14.39 -14.74 7.95
CA PHE B 200 13.05 -14.21 8.12
C PHE B 200 12.76 -13.89 9.57
N ASP B 201 12.59 -12.61 9.85
CA ASP B 201 12.21 -12.16 11.20
C ASP B 201 10.72 -12.27 11.37
N VAL B 202 10.27 -13.33 12.04
CA VAL B 202 8.86 -13.53 12.23
C VAL B 202 8.32 -12.58 13.31
N THR B 203 9.13 -12.23 14.29
CA THR B 203 8.69 -11.28 15.31
C THR B 203 8.38 -9.86 14.80
N HIS B 204 9.36 -9.20 14.19
CA HIS B 204 9.22 -7.78 13.85
C HIS B 204 8.21 -7.63 12.74
N SER B 205 8.18 -8.61 11.84
CA SER B 205 7.20 -8.68 10.77
C SER B 205 5.74 -8.46 11.16
N LEU B 206 5.40 -8.58 12.46
CA LEU B 206 3.98 -8.53 12.86
C LEU B 206 3.58 -7.12 13.26
N ARG B 221 -0.31 -14.05 18.09
CA ARG B 221 -1.07 -15.30 18.02
C ARG B 221 -0.82 -16.07 16.71
N GLN B 222 -0.38 -15.33 15.68
CA GLN B 222 -0.25 -15.86 14.34
C GLN B 222 1.22 -15.97 13.92
N VAL B 223 2.10 -15.99 14.90
CA VAL B 223 3.49 -16.18 14.62
C VAL B 223 3.68 -17.53 13.94
N LEU B 224 2.88 -18.54 14.32
CA LEU B 224 3.04 -19.85 13.71
C LEU B 224 2.71 -19.86 12.18
N ASP B 225 1.64 -19.16 11.80
CA ASP B 225 1.22 -19.09 10.42
C ASP B 225 2.35 -18.49 9.60
N LEU B 226 2.89 -17.36 10.07
CA LEU B 226 3.90 -16.65 9.32
C LEU B 226 5.18 -17.46 9.26
N ALA B 227 5.57 -18.05 10.39
CA ALA B 227 6.80 -18.86 10.45
C ALA B 227 6.76 -20.10 9.52
N ARG B 228 5.66 -20.85 9.57
CA ARG B 228 5.46 -21.98 8.67
C ARG B 228 5.57 -21.54 7.21
N ALA B 229 4.93 -20.43 6.87
CA ALA B 229 4.88 -19.98 5.48
C ALA B 229 6.26 -19.63 4.97
N GLY B 230 7.02 -18.89 5.78
CA GLY B 230 8.36 -18.46 5.37
C GLY B 230 9.34 -19.61 5.29
N ILE B 231 9.30 -20.49 6.30
CA ILE B 231 10.20 -21.65 6.31
C ILE B 231 9.91 -22.57 5.11
N ALA B 232 8.65 -22.70 4.74
CA ALA B 232 8.29 -23.50 3.56
C ALA B 232 8.84 -22.99 2.24
N VAL B 233 9.03 -21.68 2.08
CA VAL B 233 9.66 -21.17 0.85
C VAL B 233 11.05 -21.76 0.62
N GLY B 234 11.82 -21.91 1.70
CA GLY B 234 13.16 -22.45 1.65
C GLY B 234 14.16 -21.33 1.82
N ILE B 235 14.57 -21.11 3.05
CA ILE B 235 15.41 -19.97 3.40
C ILE B 235 16.47 -20.42 4.37
N ALA B 236 17.45 -19.55 4.59
CA ALA B 236 18.62 -19.89 5.42
C ALA B 236 18.38 -19.82 6.91
N GLY B 237 17.42 -19.01 7.35
CA GLY B 237 17.26 -18.78 8.79
C GLY B 237 15.98 -18.13 9.27
N LEU B 238 15.74 -18.28 10.57
CA LEU B 238 14.65 -17.61 11.25
C LEU B 238 15.23 -16.76 12.34
N PHE B 239 14.66 -15.59 12.47
CA PHE B 239 15.00 -14.59 13.46
C PHE B 239 13.79 -14.50 14.39
N LEU B 240 14.03 -14.70 15.67
CA LEU B 240 12.98 -14.90 16.65
C LEU B 240 13.35 -14.18 17.94
N GLU B 241 12.42 -13.43 18.52
CA GLU B 241 12.58 -12.96 19.90
C GLU B 241 11.48 -13.59 20.76
N ALA B 242 11.85 -13.94 21.99
CA ALA B 242 10.94 -14.59 22.91
C ALA B 242 11.05 -13.95 24.29
N HIS B 243 10.03 -14.16 25.11
CA HIS B 243 9.94 -13.57 26.45
C HIS B 243 9.06 -14.50 27.29
N PRO B 244 9.34 -14.65 28.59
CA PRO B 244 8.49 -15.56 29.38
C PRO B 244 7.03 -15.15 29.49
N ASP B 245 6.74 -13.85 29.43
CA ASP B 245 5.39 -13.36 29.62
C ASP B 245 5.24 -12.09 28.79
N PRO B 246 5.13 -12.25 27.44
CA PRO B 246 5.13 -11.14 26.51
C PRO B 246 4.00 -10.11 26.75
N ASP B 247 2.86 -10.58 27.23
CA ASP B 247 1.72 -9.70 27.51
C ASP B 247 2.02 -8.73 28.65
N ARG B 248 2.56 -9.26 29.75
CA ARG B 248 2.89 -8.44 30.92
C ARG B 248 4.27 -7.75 30.82
N ALA B 249 4.94 -7.85 29.67
CA ALA B 249 6.22 -7.15 29.47
C ALA B 249 5.96 -5.71 29.06
N PRO B 254 7.96 -5.13 18.38
CA PRO B 254 6.66 -5.75 18.64
C PRO B 254 6.73 -6.95 19.60
N SER B 255 5.63 -7.71 19.66
CA SER B 255 5.40 -8.74 20.68
C SER B 255 6.21 -10.05 20.44
N ALA B 256 7.06 -10.38 21.40
CA ALA B 256 7.87 -11.60 21.35
C ALA B 256 7.06 -12.90 21.48
N LEU B 257 7.62 -14.01 21.04
CA LEU B 257 7.02 -15.31 21.26
C LEU B 257 7.03 -15.66 22.76
N PRO B 258 5.91 -16.17 23.29
CA PRO B 258 5.98 -16.70 24.65
C PRO B 258 7.02 -17.83 24.73
N LEU B 259 8.01 -17.67 25.62
CA LEU B 259 9.13 -18.63 25.72
C LEU B 259 8.75 -20.10 25.85
N HIS B 260 7.70 -20.42 26.60
CA HIS B 260 7.28 -21.81 26.75
C HIS B 260 6.80 -22.46 25.41
N GLN B 261 6.49 -21.65 24.41
CA GLN B 261 6.11 -22.16 23.09
C GLN B 261 7.28 -22.49 22.18
N LEU B 262 8.49 -22.15 22.60
CA LEU B 262 9.66 -22.28 21.74
C LEU B 262 9.86 -23.71 21.13
N GLU B 263 9.87 -24.74 21.94
CA GLU B 263 10.12 -26.10 21.45
C GLU B 263 9.04 -26.52 20.45
N GLY B 264 7.78 -26.19 20.74
CA GLY B 264 6.67 -26.49 19.83
C GLY B 264 6.83 -25.82 18.46
N LEU B 265 7.16 -24.54 18.47
CA LEU B 265 7.35 -23.76 17.24
C LEU B 265 8.50 -24.39 16.46
N LEU B 266 9.62 -24.55 17.14
CA LEU B 266 10.84 -25.06 16.49
C LEU B 266 10.75 -26.49 15.95
N SER B 267 10.02 -27.37 16.61
CA SER B 267 9.86 -28.72 16.09
C SER B 267 9.10 -28.70 14.76
N GLN B 268 8.12 -27.79 14.61
CA GLN B 268 7.40 -27.67 13.35
C GLN B 268 8.28 -27.06 12.24
N MET B 269 9.09 -26.05 12.60
CA MET B 269 10.01 -25.42 11.66
C MET B 269 11.02 -26.45 11.15
N LYS B 270 11.62 -27.20 12.04
CA LYS B 270 12.56 -28.23 11.60
C LYS B 270 11.89 -29.24 10.69
N ALA B 271 10.67 -29.66 11.01
CA ALA B 271 10.00 -30.67 10.20
C ALA B 271 9.74 -30.14 8.78
N ILE B 272 9.27 -28.89 8.68
CA ILE B 272 8.98 -28.32 7.37
C ILE B 272 10.29 -28.09 6.60
N ASP B 273 11.29 -27.50 7.27
CA ASP B 273 12.57 -27.15 6.65
C ASP B 273 13.27 -28.40 6.08
N ASP B 274 13.31 -29.47 6.87
CA ASP B 274 13.96 -30.73 6.47
C ASP B 274 13.25 -31.31 5.25
N LEU B 275 11.93 -31.22 5.24
CA LEU B 275 11.14 -31.66 4.07
C LEU B 275 11.47 -30.81 2.85
N VAL B 276 11.36 -29.47 2.96
CA VAL B 276 11.45 -28.67 1.76
C VAL B 276 12.90 -28.64 1.24
N LYS B 277 13.89 -28.66 2.14
CA LYS B 277 15.30 -28.64 1.70
C LYS B 277 15.73 -29.86 0.89
N ARG B 278 14.94 -30.94 0.89
CA ARG B 278 15.20 -32.05 -0.01
C ARG B 278 14.23 -32.15 -1.22
N MET B 279 13.53 -31.05 -1.56
CA MET B 279 12.71 -30.94 -2.79
C MET B 279 13.26 -29.98 -3.88
N PRO B 280 13.20 -30.37 -5.18
CA PRO B 280 13.76 -29.49 -6.22
C PRO B 280 12.88 -28.28 -6.65
N ALA B 281 13.47 -27.46 -7.52
CA ALA B 281 12.71 -26.51 -8.32
C ALA B 281 11.91 -27.30 -9.34
N LEU B 282 10.93 -26.67 -9.96
CA LEU B 282 10.15 -27.35 -11.03
C LEU B 282 10.95 -27.43 -12.34
N GLU B 283 10.70 -28.46 -13.15
CA GLU B 283 11.42 -28.72 -14.41
C GLU B 283 11.17 -27.62 -15.43
N MET C 5 -11.63 17.28 -23.94
CA MET C 5 -13.01 16.92 -24.35
C MET C 5 -14.01 17.56 -23.39
N ASN C 6 -14.99 18.26 -23.91
CA ASN C 6 -16.04 18.81 -23.06
C ASN C 6 -17.28 17.97 -23.28
N VAL C 7 -18.03 17.72 -22.21
CA VAL C 7 -19.19 16.85 -22.28
C VAL C 7 -20.39 17.69 -21.94
N ALA C 8 -21.32 17.79 -22.91
CA ALA C 8 -22.52 18.61 -22.74
C ALA C 8 -23.56 17.77 -22.03
N ILE C 9 -23.96 18.19 -20.83
CA ILE C 9 -24.89 17.43 -20.01
C ILE C 9 -26.34 17.91 -20.21
N SER C 10 -26.52 19.23 -20.18
CA SER C 10 -27.82 19.87 -20.43
C SER C 10 -27.61 21.36 -20.77
N PRO C 11 -28.68 22.10 -21.14
CA PRO C 11 -28.35 23.45 -21.56
C PRO C 11 -27.70 24.20 -20.41
N GLY C 12 -26.58 24.87 -20.70
CA GLY C 12 -25.88 25.66 -19.66
C GLY C 12 -25.02 24.85 -18.69
N VAL C 13 -25.02 23.53 -18.80
CA VAL C 13 -24.16 22.69 -17.99
C VAL C 13 -23.24 21.81 -18.86
N THR C 14 -21.97 22.20 -18.94
CA THR C 14 -20.96 21.45 -19.70
C THR C 14 -19.75 21.19 -18.82
N ALA C 15 -19.30 19.93 -18.79
CA ALA C 15 -18.13 19.53 -18.03
C ALA C 15 -16.89 19.44 -18.90
N GLY C 16 -15.78 19.98 -18.42
CA GLY C 16 -14.49 19.86 -19.09
C GLY C 16 -13.36 20.32 -18.18
N ASN C 17 -12.17 19.76 -18.39
CA ASN C 17 -11.05 20.01 -17.46
C ASN C 17 -10.52 21.44 -17.49
N SER C 18 -10.73 22.15 -18.60
CA SER C 18 -10.42 23.60 -18.69
C SER C 18 -11.58 24.52 -18.35
N LEU C 19 -12.78 23.98 -18.16
CA LEU C 19 -13.97 24.80 -17.88
C LEU C 19 -14.17 25.04 -16.40
N PRO C 20 -15.01 26.03 -16.04
CA PRO C 20 -15.48 26.16 -14.65
C PRO C 20 -16.02 24.83 -14.09
N PHE C 21 -15.71 24.50 -12.84
CA PHE C 21 -16.04 23.15 -12.37
C PHE C 21 -17.56 23.00 -12.19
N VAL C 22 -18.03 21.78 -12.41
CA VAL C 22 -19.42 21.42 -12.26
C VAL C 22 -19.59 20.64 -10.97
N LEU C 23 -20.60 21.01 -10.19
CA LEU C 23 -20.86 20.27 -8.96
C LEU C 23 -21.83 19.17 -9.30
N PHE C 24 -21.43 17.92 -9.05
CA PHE C 24 -22.36 16.80 -9.09
C PHE C 24 -22.66 16.48 -7.65
N GLY C 25 -23.81 16.96 -7.21
CA GLY C 25 -24.09 17.00 -5.79
C GLY C 25 -25.47 16.51 -5.49
N GLY C 26 -25.63 15.83 -4.36
CA GLY C 26 -26.92 15.34 -3.98
C GLY C 26 -26.92 14.53 -2.71
N ILE C 27 -27.54 13.37 -2.79
CA ILE C 27 -27.74 12.55 -1.61
C ILE C 27 -27.35 11.14 -1.90
N ASN C 28 -27.27 10.34 -0.86
CA ASN C 28 -26.87 8.95 -1.03
C ASN C 28 -27.94 8.17 -1.79
N VAL C 29 -29.16 8.12 -1.26
CA VAL C 29 -30.21 7.31 -1.88
C VAL C 29 -31.57 7.98 -1.77
N LEU C 30 -32.44 7.71 -2.73
CA LEU C 30 -33.81 8.22 -2.71
C LEU C 30 -34.61 7.42 -1.70
N GLU C 31 -35.12 8.14 -0.69
CA GLU C 31 -36.03 7.63 0.36
C GLU C 31 -37.47 8.13 0.19
N SER C 32 -37.62 9.39 -0.24
CA SER C 32 -38.96 9.95 -0.50
C SER C 32 -38.92 11.17 -1.42
N LEU C 33 -40.04 11.43 -2.09
CA LEU C 33 -40.18 12.61 -2.97
C LEU C 33 -39.85 13.90 -2.22
N ASP C 34 -40.52 14.13 -1.12
CA ASP C 34 -40.40 15.40 -0.40
C ASP C 34 -39.01 15.66 0.13
N PHE C 35 -38.41 14.65 0.73
CA PHE C 35 -37.07 14.84 1.24
C PHE C 35 -36.09 15.13 0.10
N THR C 36 -36.30 14.50 -1.05
CA THR C 36 -35.44 14.71 -2.21
C THR C 36 -35.59 16.16 -2.74
N LEU C 37 -36.82 16.59 -2.86
CA LEU C 37 -37.13 17.93 -3.35
C LEU C 37 -36.53 19.01 -2.45
N ASP C 38 -36.70 18.86 -1.14
CA ASP C 38 -36.14 19.81 -0.17
C ASP C 38 -34.61 19.88 -0.23
N VAL C 39 -33.93 18.74 -0.27
CA VAL C 39 -32.46 18.75 -0.35
C VAL C 39 -31.98 19.28 -1.69
N CYS C 40 -32.59 18.82 -2.78
CA CYS C 40 -32.24 19.32 -4.12
C CYS C 40 -32.45 20.82 -4.25
N GLY C 41 -33.60 21.31 -3.78
CA GLY C 41 -33.90 22.76 -3.75
C GLY C 41 -32.84 23.60 -3.04
N GLU C 42 -32.27 23.07 -1.97
CA GLU C 42 -31.23 23.78 -1.23
C GLU C 42 -29.92 23.77 -2.04
N TYR C 43 -29.62 22.65 -2.70
CA TYR C 43 -28.48 22.62 -3.62
C TYR C 43 -28.66 23.65 -4.75
N VAL C 44 -29.85 23.65 -5.35
CA VAL C 44 -30.15 24.59 -6.44
C VAL C 44 -29.98 26.04 -5.98
N ALA C 45 -30.58 26.36 -4.82
CA ALA C 45 -30.50 27.71 -4.29
C ALA C 45 -29.06 28.14 -4.08
N VAL C 46 -28.23 27.27 -3.49
CA VAL C 46 -26.85 27.64 -3.19
C VAL C 46 -26.01 27.78 -4.46
N THR C 47 -26.14 26.83 -5.39
CA THR C 47 -25.35 26.86 -6.61
C THR C 47 -25.77 28.01 -7.52
N ARG C 48 -27.06 28.29 -7.56
CA ARG C 48 -27.59 29.47 -8.29
C ARG C 48 -26.97 30.76 -7.73
N LYS C 49 -27.06 30.94 -6.42
CA LYS C 49 -26.48 32.15 -5.79
C LYS C 49 -25.00 32.32 -6.18
N LEU C 50 -24.23 31.25 -6.02
CA LEU C 50 -22.78 31.31 -6.25
C LEU C 50 -22.41 31.35 -7.74
N GLY C 51 -23.27 30.83 -8.62
CA GLY C 51 -22.97 30.76 -10.06
C GLY C 51 -22.12 29.56 -10.44
N ILE C 52 -22.48 28.39 -9.90
CA ILE C 52 -21.78 27.12 -10.15
C ILE C 52 -22.73 26.16 -10.91
N PRO C 53 -22.29 25.62 -12.04
CA PRO C 53 -23.15 24.65 -12.72
C PRO C 53 -23.42 23.42 -11.84
N PHE C 54 -24.62 22.86 -11.98
CA PHE C 54 -25.11 21.87 -11.02
C PHE C 54 -25.89 20.71 -11.67
N VAL C 55 -25.51 19.49 -11.26
CA VAL C 55 -26.23 18.27 -11.59
C VAL C 55 -26.56 17.56 -10.28
N PHE C 56 -27.84 17.24 -10.08
CA PHE C 56 -28.28 16.60 -8.86
C PHE C 56 -28.04 15.11 -8.88
N LYS C 57 -27.47 14.59 -7.81
CA LYS C 57 -27.11 13.17 -7.71
C LYS C 57 -27.93 12.44 -6.66
N ALA C 58 -28.38 11.25 -7.01
CA ALA C 58 -28.92 10.28 -6.06
C ALA C 58 -28.88 8.87 -6.67
N SER C 59 -28.90 7.85 -5.81
CA SER C 59 -29.03 6.46 -6.19
C SER C 59 -30.49 6.06 -5.97
N PHE C 60 -30.99 5.14 -6.78
CA PHE C 60 -32.34 4.61 -6.59
C PHE C 60 -32.31 3.27 -5.87
N ASP C 61 -31.12 2.66 -5.82
CA ASP C 61 -30.91 1.39 -5.12
C ASP C 61 -29.52 1.35 -4.51
N LYS C 62 -29.44 0.95 -3.24
CA LYS C 62 -28.17 0.59 -2.59
C LYS C 62 -27.99 -0.91 -2.82
N ALA C 63 -27.12 -1.24 -3.78
CA ALA C 63 -27.02 -2.61 -4.30
C ALA C 63 -26.01 -3.46 -3.55
N ASN C 64 -25.34 -2.89 -2.56
CA ASN C 64 -24.26 -3.59 -1.88
C ASN C 64 -24.15 -3.35 -0.38
N ARG C 65 -25.28 -3.28 0.31
CA ARG C 65 -25.31 -3.28 1.78
C ARG C 65 -24.80 -4.62 2.37
N SER C 66 -24.55 -4.60 3.68
CA SER C 66 -23.99 -5.74 4.41
C SER C 66 -25.01 -6.82 4.64
N SER C 67 -26.27 -6.45 4.74
CA SER C 67 -27.32 -7.40 5.00
C SER C 67 -28.33 -7.35 3.87
N ILE C 68 -28.81 -8.52 3.46
CA ILE C 68 -29.89 -8.56 2.46
C ILE C 68 -31.16 -7.83 2.95
N HIS C 69 -31.23 -7.60 4.27
CA HIS C 69 -32.39 -6.96 4.90
C HIS C 69 -32.26 -5.45 5.09
N SER C 70 -31.05 -4.92 4.89
CA SER C 70 -30.82 -3.47 5.00
C SER C 70 -31.64 -2.69 3.95
N TYR C 71 -32.02 -1.47 4.32
CA TYR C 71 -32.83 -0.62 3.47
C TYR C 71 -32.05 -0.30 2.22
N ARG C 72 -32.73 -0.38 1.09
CA ARG C 72 -32.08 -0.24 -0.21
C ARG C 72 -32.54 0.96 -1.01
N GLY C 73 -33.48 1.74 -0.49
CA GLY C 73 -34.02 2.89 -1.22
C GLY C 73 -35.35 2.57 -1.85
N VAL C 74 -35.96 3.55 -2.51
CA VAL C 74 -37.30 3.36 -3.06
C VAL C 74 -37.29 2.42 -4.27
N GLY C 75 -36.12 2.21 -4.87
CA GLY C 75 -36.01 1.30 -6.01
C GLY C 75 -36.17 1.99 -7.35
N LEU C 76 -36.02 1.21 -8.43
CA LEU C 76 -35.93 1.75 -9.80
C LEU C 76 -37.18 2.54 -10.21
N ASP C 77 -38.33 1.87 -10.19
CA ASP C 77 -39.57 2.47 -10.71
C ASP C 77 -39.90 3.77 -9.98
N GLU C 78 -40.04 3.70 -8.65
CA GLU C 78 -40.33 4.90 -7.85
C GLU C 78 -39.23 5.94 -7.89
N GLY C 79 -37.99 5.49 -8.00
CA GLY C 79 -36.85 6.42 -8.08
C GLY C 79 -36.91 7.30 -9.31
N LEU C 80 -37.24 6.71 -10.46
CA LEU C 80 -37.37 7.47 -11.71
C LEU C 80 -38.57 8.41 -11.66
N LYS C 81 -39.65 8.04 -10.95
CA LYS C 81 -40.75 8.99 -10.74
C LYS C 81 -40.23 10.21 -9.97
N ILE C 82 -39.47 9.96 -8.92
CA ILE C 82 -38.92 11.05 -8.10
C ILE C 82 -38.02 11.93 -8.96
N PHE C 83 -37.16 11.33 -9.78
CA PHE C 83 -36.23 12.09 -10.62
C PHE C 83 -36.95 12.97 -11.63
N ALA C 84 -38.02 12.46 -12.21
CA ALA C 84 -38.89 13.23 -13.10
C ALA C 84 -39.43 14.49 -12.41
N GLU C 85 -39.89 14.34 -11.17
CA GLU C 85 -40.42 15.46 -10.40
C GLU C 85 -39.35 16.47 -10.05
N VAL C 86 -38.13 15.99 -9.77
CA VAL C 86 -36.99 16.89 -9.51
C VAL C 86 -36.65 17.73 -10.75
N LYS C 87 -36.66 17.07 -11.91
CA LYS C 87 -36.32 17.74 -13.17
C LYS C 87 -37.37 18.79 -13.53
N ALA C 88 -38.64 18.45 -13.33
CA ALA C 88 -39.74 19.37 -13.60
C ALA C 88 -39.74 20.51 -12.59
N ARG C 89 -39.54 20.20 -11.31
CA ARG C 89 -39.60 21.25 -10.29
C ARG C 89 -38.44 22.23 -10.44
N PHE C 90 -37.23 21.76 -10.69
CA PHE C 90 -36.08 22.66 -10.67
C PHE C 90 -35.37 22.94 -11.99
N GLY C 91 -35.76 22.25 -13.08
CA GLY C 91 -35.02 22.35 -14.35
C GLY C 91 -33.57 21.90 -14.25
N VAL C 92 -33.26 21.00 -13.32
CA VAL C 92 -31.88 20.58 -13.09
C VAL C 92 -31.65 19.20 -13.74
N PRO C 93 -30.45 18.97 -14.33
CA PRO C 93 -30.14 17.63 -14.86
C PRO C 93 -29.82 16.71 -13.71
N VAL C 94 -29.96 15.40 -13.90
CA VAL C 94 -29.72 14.45 -12.82
C VAL C 94 -28.77 13.34 -13.24
N ILE C 95 -28.12 12.74 -12.26
CA ILE C 95 -27.18 11.65 -12.47
C ILE C 95 -27.50 10.57 -11.45
N THR C 96 -27.51 9.34 -11.90
CA THR C 96 -27.75 8.19 -11.05
C THR C 96 -26.95 7.00 -11.51
N ASP C 97 -26.81 6.01 -10.63
CA ASP C 97 -26.01 4.85 -10.93
C ASP C 97 -26.82 3.66 -11.37
N VAL C 98 -26.19 2.82 -12.20
CA VAL C 98 -26.87 1.72 -12.89
C VAL C 98 -26.14 0.41 -12.58
N HIS C 99 -26.86 -0.52 -11.99
CA HIS C 99 -26.27 -1.72 -11.42
C HIS C 99 -26.45 -2.92 -12.32
N GLU C 100 -27.44 -2.86 -13.22
CA GLU C 100 -27.74 -3.98 -14.07
C GLU C 100 -28.01 -3.50 -15.48
N ALA C 101 -27.50 -4.26 -16.44
CA ALA C 101 -27.62 -3.92 -17.86
C ALA C 101 -29.04 -3.49 -18.21
N GLU C 102 -30.01 -4.23 -17.66
CA GLU C 102 -31.41 -4.04 -18.01
C GLU C 102 -31.98 -2.72 -17.49
N GLN C 103 -31.31 -2.09 -16.54
CA GLN C 103 -31.77 -0.81 -15.99
C GLN C 103 -31.35 0.36 -16.90
N ALA C 104 -30.36 0.16 -17.76
CA ALA C 104 -29.71 1.28 -18.45
C ALA C 104 -30.69 2.11 -19.29
N ALA C 105 -31.48 1.43 -20.12
CA ALA C 105 -32.38 2.10 -21.04
C ALA C 105 -33.52 2.79 -20.32
N PRO C 106 -34.19 2.11 -19.39
CA PRO C 106 -35.18 2.86 -18.61
C PRO C 106 -34.58 4.07 -17.85
N VAL C 107 -33.39 3.93 -17.30
CA VAL C 107 -32.81 5.05 -16.57
C VAL C 107 -32.51 6.19 -17.54
N ALA C 108 -32.04 5.84 -18.74
CA ALA C 108 -31.64 6.82 -19.76
C ALA C 108 -32.84 7.64 -20.27
N GLU C 109 -34.05 7.15 -20.08
CA GLU C 109 -35.22 7.96 -20.45
C GLU C 109 -35.37 9.19 -19.58
N ILE C 110 -34.86 9.13 -18.35
CA ILE C 110 -35.06 10.20 -17.38
C ILE C 110 -33.74 10.88 -16.98
N ALA C 111 -32.73 10.11 -16.63
CA ALA C 111 -31.46 10.67 -16.13
C ALA C 111 -30.65 11.29 -17.26
N ASP C 112 -29.86 12.29 -16.91
CA ASP C 112 -29.08 13.03 -17.89
C ASP C 112 -27.64 12.54 -17.97
N VAL C 113 -27.20 11.87 -16.91
CA VAL C 113 -25.93 11.15 -16.88
C VAL C 113 -26.17 9.82 -16.16
N LEU C 114 -25.57 8.75 -16.70
CA LEU C 114 -25.61 7.41 -16.13
C LEU C 114 -24.25 7.06 -15.56
N GLN C 115 -24.22 6.62 -14.30
CA GLN C 115 -22.95 6.29 -13.62
C GLN C 115 -22.70 4.79 -13.53
N VAL C 116 -21.48 4.40 -13.89
CA VAL C 116 -20.97 3.05 -13.72
C VAL C 116 -20.42 2.89 -12.28
N PRO C 117 -21.07 2.07 -11.46
CA PRO C 117 -20.54 1.86 -10.12
C PRO C 117 -19.11 1.33 -10.17
N ALA C 118 -18.28 1.76 -9.22
CA ALA C 118 -16.86 1.47 -9.21
C ALA C 118 -16.55 -0.03 -9.26
N PHE C 119 -17.21 -0.81 -8.41
CA PHE C 119 -16.95 -2.25 -8.40
C PHE C 119 -17.27 -2.93 -9.74
N LEU C 120 -18.13 -2.29 -10.55
CA LEU C 120 -18.65 -2.88 -11.76
C LEU C 120 -18.00 -2.30 -13.01
N ALA C 121 -16.96 -1.48 -12.82
CA ALA C 121 -16.34 -0.75 -13.94
C ALA C 121 -15.66 -1.64 -14.99
N ARG C 122 -15.28 -2.87 -14.63
CA ARG C 122 -14.70 -3.80 -15.60
C ARG C 122 -15.73 -4.72 -16.26
N GLN C 123 -16.96 -4.74 -15.75
CA GLN C 123 -17.99 -5.66 -16.27
C GLN C 123 -18.44 -5.20 -17.66
N THR C 124 -17.96 -5.91 -18.66
CA THR C 124 -18.18 -5.54 -20.06
C THR C 124 -19.66 -5.34 -20.41
N ASP C 125 -20.52 -6.29 -20.08
CA ASP C 125 -21.93 -6.19 -20.49
C ASP C 125 -22.66 -5.00 -19.87
N LEU C 126 -22.39 -4.73 -18.59
CA LEU C 126 -22.97 -3.55 -17.91
C LEU C 126 -22.52 -2.25 -18.57
N VAL C 127 -21.21 -2.13 -18.76
CA VAL C 127 -20.64 -0.92 -19.33
C VAL C 127 -21.17 -0.69 -20.76
N VAL C 128 -21.26 -1.76 -21.54
CA VAL C 128 -21.82 -1.67 -22.86
C VAL C 128 -23.30 -1.27 -22.78
N ALA C 129 -24.08 -1.93 -21.92
CA ALA C 129 -25.49 -1.52 -21.78
C ALA C 129 -25.66 -0.04 -21.41
N ILE C 130 -24.85 0.44 -20.47
CA ILE C 130 -24.88 1.86 -20.07
C ILE C 130 -24.46 2.80 -21.21
N ALA C 131 -23.35 2.49 -21.88
CA ALA C 131 -22.85 3.29 -23.01
C ALA C 131 -23.88 3.37 -24.17
N LYS C 132 -24.50 2.25 -24.52
CA LYS C 132 -25.51 2.22 -25.58
C LYS C 132 -26.81 2.98 -25.24
N ALA C 133 -27.01 3.37 -23.99
CA ALA C 133 -28.29 3.99 -23.60
C ALA C 133 -28.36 5.45 -24.06
N GLY C 134 -27.23 5.99 -24.53
CA GLY C 134 -27.21 7.25 -25.27
C GLY C 134 -26.98 8.52 -24.47
N LYS C 135 -26.72 8.42 -23.18
CA LYS C 135 -26.42 9.61 -22.38
C LYS C 135 -24.95 9.61 -21.99
N PRO C 136 -24.41 10.78 -21.63
CA PRO C 136 -23.09 10.82 -21.05
C PRO C 136 -22.94 9.81 -19.92
N VAL C 137 -21.73 9.31 -19.77
CA VAL C 137 -21.44 8.26 -18.80
C VAL C 137 -20.39 8.74 -17.84
N ASN C 138 -20.62 8.52 -16.54
CA ASN C 138 -19.61 8.78 -15.52
C ASN C 138 -19.04 7.44 -15.02
N VAL C 139 -17.76 7.21 -15.26
CA VAL C 139 -17.13 5.95 -14.81
C VAL C 139 -16.47 6.18 -13.45
N LYS C 140 -16.96 5.53 -12.40
CA LYS C 140 -16.27 5.56 -11.11
C LYS C 140 -15.03 4.69 -11.19
N LYS C 141 -13.87 5.27 -10.90
CA LYS C 141 -12.61 4.52 -10.87
C LYS C 141 -12.55 3.68 -9.58
N PRO C 142 -12.54 2.34 -9.70
CA PRO C 142 -12.47 1.54 -8.47
C PRO C 142 -11.14 1.71 -7.74
N GLN C 143 -11.16 1.52 -6.42
CA GLN C 143 -9.98 1.74 -5.58
C GLN C 143 -8.84 0.79 -5.91
N PHE C 144 -9.16 -0.33 -6.57
CA PHE C 144 -8.17 -1.29 -7.03
C PHE C 144 -7.50 -0.93 -8.38
N MET C 145 -8.01 0.08 -9.08
CA MET C 145 -7.57 0.36 -10.46
C MET C 145 -6.64 1.54 -10.54
N SER C 146 -5.50 1.37 -11.20
CA SER C 146 -4.60 2.50 -11.39
C SER C 146 -5.13 3.47 -12.46
N PRO C 147 -4.65 4.73 -12.42
CA PRO C 147 -5.28 5.74 -13.25
C PRO C 147 -5.04 5.55 -14.75
N THR C 148 -3.97 4.82 -15.12
CA THR C 148 -3.66 4.59 -16.53
C THR C 148 -4.42 3.42 -17.13
N GLN C 149 -5.27 2.75 -16.36
CA GLN C 149 -6.04 1.60 -16.85
C GLN C 149 -7.49 1.94 -17.14
N LEU C 150 -7.91 3.13 -16.72
CA LEU C 150 -9.29 3.54 -16.96
C LEU C 150 -9.59 3.65 -18.47
N LYS C 151 -8.56 3.90 -19.27
CA LYS C 151 -8.70 3.98 -20.73
C LYS C 151 -9.41 2.80 -21.38
N HIS C 152 -9.24 1.60 -20.82
CA HIS C 152 -9.93 0.41 -21.35
C HIS C 152 -11.44 0.53 -21.20
N VAL C 153 -11.91 1.05 -20.07
CA VAL C 153 -13.34 1.24 -19.90
C VAL C 153 -13.81 2.30 -20.91
N VAL C 154 -13.03 3.37 -21.09
CA VAL C 154 -13.39 4.46 -22.04
C VAL C 154 -13.49 3.91 -23.45
N SER C 155 -12.55 3.03 -23.78
CA SER C 155 -12.56 2.31 -25.07
C SER C 155 -13.78 1.42 -25.27
N LYS C 156 -14.21 0.68 -24.24
CA LYS C 156 -15.42 -0.13 -24.39
C LYS C 156 -16.61 0.76 -24.73
N CYS C 157 -16.67 1.94 -24.13
CA CYS C 157 -17.75 2.90 -24.39
C CYS C 157 -17.70 3.42 -25.82
N GLY C 158 -16.52 3.80 -26.27
CA GLY C 158 -16.30 4.28 -27.63
C GLY C 158 -16.57 3.22 -28.70
N GLU C 159 -16.30 1.95 -28.38
CA GLU C 159 -16.58 0.83 -29.28
C GLU C 159 -18.07 0.61 -29.55
N VAL C 160 -18.97 1.05 -28.65
CA VAL C 160 -20.41 0.93 -28.91
C VAL C 160 -21.06 2.29 -29.21
N GLY C 161 -20.22 3.27 -29.58
CA GLY C 161 -20.67 4.55 -30.10
C GLY C 161 -20.84 5.71 -29.12
N ASN C 162 -20.34 5.56 -27.89
CA ASN C 162 -20.48 6.63 -26.87
C ASN C 162 -19.13 7.21 -26.49
N ASP C 163 -18.88 8.43 -26.95
CA ASP C 163 -17.63 9.14 -26.73
C ASP C 163 -17.74 10.17 -25.61
N ARG C 164 -18.91 10.25 -24.98
CA ARG C 164 -19.13 11.26 -23.96
C ARG C 164 -18.95 10.68 -22.55
N VAL C 165 -17.69 10.50 -22.18
CA VAL C 165 -17.36 9.78 -20.96
C VAL C 165 -16.58 10.69 -20.00
N MET C 166 -16.95 10.60 -18.73
CA MET C 166 -16.27 11.33 -17.65
C MET C 166 -15.77 10.30 -16.66
N LEU C 167 -14.74 10.66 -15.91
CA LEU C 167 -13.99 9.73 -15.08
C LEU C 167 -13.97 10.30 -13.68
N CYS C 168 -14.34 9.49 -12.69
CA CYS C 168 -14.53 9.97 -11.34
C CYS C 168 -13.61 9.27 -10.32
N GLU C 169 -12.73 10.06 -9.72
CA GLU C 169 -11.78 9.61 -8.70
C GLU C 169 -12.48 9.45 -7.36
N ARG C 170 -12.18 8.38 -6.63
CA ARG C 170 -12.73 8.21 -5.29
CA ARG C 170 -12.73 8.19 -5.30
C ARG C 170 -11.74 7.54 -4.35
N GLY C 171 -10.45 7.64 -4.67
CA GLY C 171 -9.42 7.10 -3.80
C GLY C 171 -8.86 5.78 -4.29
N SER C 172 -7.70 5.43 -3.73
CA SER C 172 -7.01 4.20 -4.05
C SER C 172 -6.74 3.40 -2.77
N SER C 173 -6.80 2.07 -2.86
CA SER C 173 -6.53 1.20 -1.72
C SER C 173 -5.14 1.44 -1.13
N PHE C 174 -5.12 1.68 0.17
CA PHE C 174 -3.90 1.99 0.91
C PHE C 174 -3.86 1.15 2.15
N GLY C 175 -3.20 0.00 2.04
CA GLY C 175 -3.28 -1.02 3.09
C GLY C 175 -4.69 -1.58 3.15
N TYR C 176 -5.08 -2.03 4.32
CA TYR C 176 -6.43 -2.50 4.54
C TYR C 176 -7.35 -1.36 4.93
N ASP C 177 -8.54 -1.38 4.33
CA ASP C 177 -9.64 -0.48 4.60
C ASP C 177 -9.48 0.99 4.18
N ASN C 178 -8.32 1.59 4.44
CA ASN C 178 -8.06 3.01 4.19
CA ASN C 178 -8.11 3.01 4.19
C ASN C 178 -7.93 3.29 2.69
N LEU C 179 -8.29 4.51 2.29
CA LEU C 179 -8.10 5.03 0.93
C LEU C 179 -7.20 6.25 0.98
N VAL C 180 -6.36 6.38 -0.04
CA VAL C 180 -5.55 7.57 -0.24
C VAL C 180 -5.87 8.11 -1.63
N VAL C 181 -5.98 9.44 -1.74
CA VAL C 181 -6.17 10.08 -3.02
C VAL C 181 -4.81 10.54 -3.54
N ASP C 182 -4.39 9.94 -4.65
CA ASP C 182 -3.15 10.31 -5.34
C ASP C 182 -3.51 11.44 -6.30
N MET C 183 -3.14 12.66 -5.95
CA MET C 183 -3.47 13.84 -6.75
C MET C 183 -2.77 13.86 -8.14
N LEU C 184 -1.78 13.00 -8.36
CA LEU C 184 -1.17 12.85 -9.70
C LEU C 184 -2.06 12.04 -10.65
N GLY C 185 -3.07 11.36 -10.11
CA GLY C 185 -3.93 10.55 -10.94
C GLY C 185 -4.82 11.32 -11.89
N PHE C 186 -5.25 12.52 -11.48
CA PHE C 186 -6.18 13.28 -12.31
C PHE C 186 -5.65 13.53 -13.71
N ARG C 187 -4.43 14.04 -13.81
CA ARG C 187 -3.84 14.24 -15.12
C ARG C 187 -3.64 12.91 -15.89
N GLN C 188 -3.25 11.85 -15.18
CA GLN C 188 -2.98 10.61 -15.87
C GLN C 188 -4.25 10.02 -16.50
N MET C 189 -5.39 10.18 -15.82
CA MET C 189 -6.70 9.75 -16.31
C MET C 189 -7.08 10.61 -17.52
N ALA C 190 -6.92 11.92 -17.39
CA ALA C 190 -7.21 12.85 -18.50
C ALA C 190 -6.35 12.55 -19.70
N GLU C 191 -5.05 12.47 -19.50
CA GLU C 191 -4.13 12.38 -20.65
C GLU C 191 -4.15 11.03 -21.35
N THR C 192 -4.50 9.94 -20.66
CA THR C 192 -4.47 8.63 -21.29
C THR C 192 -5.77 8.24 -21.98
N THR C 193 -6.81 9.08 -21.86
CA THR C 193 -8.14 8.78 -22.37
C THR C 193 -8.60 9.83 -23.39
N GLY C 194 -7.70 10.66 -23.87
CA GLY C 194 -8.03 11.63 -24.89
C GLY C 194 -8.58 12.92 -24.32
N GLY C 195 -8.40 13.15 -23.03
CA GLY C 195 -8.88 14.37 -22.38
C GLY C 195 -10.26 14.31 -21.76
N CYS C 196 -10.70 13.11 -21.34
CA CYS C 196 -11.99 12.98 -20.64
C CYS C 196 -12.03 13.90 -19.41
N PRO C 197 -13.20 14.52 -19.16
CA PRO C 197 -13.41 15.27 -17.93
C PRO C 197 -13.21 14.41 -16.71
N VAL C 198 -12.50 14.96 -15.73
CA VAL C 198 -12.20 14.29 -14.51
C VAL C 198 -12.92 14.96 -13.33
N ILE C 199 -13.56 14.12 -12.51
CA ILE C 199 -14.38 14.51 -11.43
C ILE C 199 -13.83 13.87 -10.14
N PHE C 200 -13.96 14.60 -9.04
CA PHE C 200 -13.44 14.17 -7.75
C PHE C 200 -14.55 13.99 -6.70
N ASP C 201 -14.73 12.76 -6.25
CA ASP C 201 -15.68 12.42 -5.20
C ASP C 201 -14.98 12.63 -3.85
N VAL C 202 -15.24 13.77 -3.22
CA VAL C 202 -14.61 14.09 -1.93
C VAL C 202 -15.36 13.42 -0.77
N THR C 203 -16.49 12.79 -1.02
CA THR C 203 -17.21 12.02 0.01
C THR C 203 -16.66 10.58 0.20
N HIS C 204 -16.69 9.77 -0.86
CA HIS C 204 -16.27 8.36 -0.75
C HIS C 204 -14.76 8.25 -0.62
N SER C 205 -14.04 9.27 -1.06
CA SER C 205 -12.59 9.31 -0.92
C SER C 205 -12.03 9.21 0.50
N LEU C 206 -12.89 9.27 1.54
CA LEU C 206 -12.41 9.12 2.95
C LEU C 206 -12.50 7.68 3.47
N GLN C 222 -12.19 16.70 7.35
CA GLN C 222 -11.10 17.09 6.46
C GLN C 222 -11.55 17.14 5.01
N VAL C 223 -12.88 17.18 4.77
CA VAL C 223 -13.41 17.26 3.41
C VAL C 223 -12.82 18.49 2.73
N LEU C 224 -12.69 19.58 3.50
CA LEU C 224 -12.18 20.84 2.95
C LEU C 224 -10.73 20.70 2.46
N ASP C 225 -9.88 20.01 3.22
CA ASP C 225 -8.46 19.86 2.83
C ASP C 225 -8.40 19.15 1.49
N LEU C 226 -9.12 18.06 1.41
CA LEU C 226 -9.14 17.24 0.23
C LEU C 226 -9.77 17.94 -1.00
N ALA C 227 -10.91 18.60 -0.81
CA ALA C 227 -11.58 19.31 -1.90
C ALA C 227 -10.73 20.46 -2.42
N ARG C 228 -10.09 21.18 -1.52
CA ARG C 228 -9.21 22.25 -1.89
C ARG C 228 -8.03 21.74 -2.71
N ALA C 229 -7.47 20.62 -2.25
CA ALA C 229 -6.31 20.01 -2.93
C ALA C 229 -6.67 19.60 -4.35
N GLY C 230 -7.78 18.90 -4.47
CA GLY C 230 -8.26 18.41 -5.76
C GLY C 230 -8.65 19.54 -6.72
N ILE C 231 -9.46 20.49 -6.27
CA ILE C 231 -9.79 21.65 -7.14
C ILE C 231 -8.56 22.42 -7.61
N ALA C 232 -7.55 22.58 -6.76
CA ALA C 232 -6.35 23.31 -7.13
C ALA C 232 -5.59 22.66 -8.26
N VAL C 233 -5.73 21.34 -8.42
CA VAL C 233 -5.04 20.64 -9.48
C VAL C 233 -5.55 21.09 -10.85
N GLY C 234 -6.86 21.27 -10.94
CA GLY C 234 -7.49 21.73 -12.15
C GLY C 234 -8.29 20.60 -12.75
N ILE C 235 -9.56 20.48 -12.36
CA ILE C 235 -10.43 19.37 -12.76
C ILE C 235 -11.83 19.88 -13.22
N ALA C 236 -12.60 18.99 -13.84
CA ALA C 236 -13.88 19.33 -14.47
C ALA C 236 -15.02 19.35 -13.48
N GLY C 237 -14.86 18.66 -12.35
CA GLY C 237 -15.98 18.51 -11.45
C GLY C 237 -15.68 18.03 -10.05
N LEU C 238 -16.66 18.28 -9.20
CA LEU C 238 -16.71 17.81 -7.83
C LEU C 238 -17.96 16.97 -7.63
N PHE C 239 -17.82 15.92 -6.84
CA PHE C 239 -18.89 14.99 -6.56
C PHE C 239 -19.01 14.98 -5.04
N LEU C 240 -20.24 15.10 -4.58
CA LEU C 240 -20.54 15.44 -3.21
C LEU C 240 -21.87 14.85 -2.81
N GLU C 241 -21.91 14.20 -1.66
CA GLU C 241 -23.17 13.87 -1.02
C GLU C 241 -23.30 14.65 0.26
N ALA C 242 -24.53 15.01 0.61
CA ALA C 242 -24.81 15.83 1.76
C ALA C 242 -26.06 15.31 2.46
N HIS C 243 -26.20 15.71 3.71
CA HIS C 243 -27.36 15.35 4.53
C HIS C 243 -27.51 16.41 5.63
N PRO C 244 -28.76 16.69 6.06
CA PRO C 244 -28.93 17.69 7.14
C PRO C 244 -28.25 17.26 8.45
N ASP C 245 -28.31 15.97 8.78
CA ASP C 245 -27.66 15.44 9.97
C ASP C 245 -26.90 14.14 9.66
N PRO C 246 -25.64 14.27 9.22
CA PRO C 246 -24.87 13.11 8.79
C PRO C 246 -24.54 12.08 9.87
N ASP C 247 -24.27 12.54 11.09
CA ASP C 247 -23.91 11.64 12.21
C ASP C 247 -25.01 10.61 12.54
N ARG C 248 -26.26 10.98 12.28
CA ARG C 248 -27.40 10.09 12.52
C ARG C 248 -27.74 9.17 11.32
N ALA C 249 -26.85 9.08 10.33
CA ALA C 249 -27.07 8.16 9.17
C ALA C 249 -27.31 6.71 9.64
N ARG C 250 -28.23 6.04 8.97
CA ARG C 250 -28.60 4.63 9.26
C ARG C 250 -27.69 3.67 8.46
N CYS C 251 -26.40 4.01 8.49
CA CYS C 251 -25.37 3.68 7.51
C CYS C 251 -24.06 3.50 8.24
N ASP C 252 -23.29 2.48 7.86
CA ASP C 252 -21.84 2.47 8.11
C ASP C 252 -21.07 3.02 6.88
N GLY C 253 -21.78 3.61 5.92
CA GLY C 253 -21.13 4.27 4.76
C GLY C 253 -20.32 5.49 5.16
N PRO C 254 -19.53 6.04 4.21
CA PRO C 254 -18.77 7.25 4.54
C PRO C 254 -19.69 8.48 4.72
N SER C 255 -19.35 9.29 5.74
CA SER C 255 -20.13 10.47 6.13
C SER C 255 -20.39 11.46 5.01
N ALA C 256 -21.64 11.90 4.90
CA ALA C 256 -22.00 12.92 3.96
C ALA C 256 -21.58 14.26 4.55
N LEU C 257 -21.49 15.28 3.70
CA LEU C 257 -21.20 16.63 4.17
C LEU C 257 -22.43 17.09 4.93
N PRO C 258 -22.26 17.78 6.05
CA PRO C 258 -23.46 18.40 6.61
C PRO C 258 -23.97 19.47 5.66
N LEU C 259 -25.28 19.44 5.37
CA LEU C 259 -25.87 20.30 4.35
C LEU C 259 -25.67 21.78 4.61
N HIS C 260 -25.72 22.22 5.87
CA HIS C 260 -25.51 23.63 6.18
C HIS C 260 -24.12 24.16 5.76
N GLN C 261 -23.14 23.25 5.55
CA GLN C 261 -21.78 23.68 5.17
C GLN C 261 -21.57 23.84 3.65
N LEU C 262 -22.61 23.55 2.87
CA LEU C 262 -22.51 23.53 1.40
C LEU C 262 -22.02 24.85 0.81
N GLU C 263 -22.64 25.95 1.21
CA GLU C 263 -22.28 27.26 0.64
C GLU C 263 -20.85 27.64 0.99
N GLY C 264 -20.46 27.38 2.23
CA GLY C 264 -19.10 27.66 2.74
C GLY C 264 -18.06 26.88 1.94
N LEU C 265 -18.36 25.62 1.70
CA LEU C 265 -17.47 24.78 0.92
C LEU C 265 -17.38 25.29 -0.52
N LEU C 266 -18.55 25.43 -1.16
CA LEU C 266 -18.58 25.79 -2.58
C LEU C 266 -18.00 27.17 -2.88
N SER C 267 -18.09 28.11 -1.96
CA SER C 267 -17.52 29.43 -2.22
C SER C 267 -15.99 29.35 -2.25
N GLN C 268 -15.40 28.51 -1.39
CA GLN C 268 -13.95 28.29 -1.46
C GLN C 268 -13.56 27.55 -2.75
N MET C 269 -14.37 26.57 -3.16
CA MET C 269 -14.10 25.81 -4.37
C MET C 269 -14.11 26.72 -5.59
N LYS C 270 -15.12 27.59 -5.70
CA LYS C 270 -15.25 28.48 -6.83
C LYS C 270 -14.08 29.45 -6.90
N ALA C 271 -13.64 29.93 -5.74
CA ALA C 271 -12.58 30.90 -5.69
C ALA C 271 -11.29 30.29 -6.19
N ILE C 272 -11.02 29.05 -5.77
CA ILE C 272 -9.77 28.41 -6.16
C ILE C 272 -9.86 28.03 -7.63
N ASP C 273 -11.02 27.48 -8.00
CA ASP C 273 -11.24 26.98 -9.33
C ASP C 273 -11.10 28.11 -10.37
N ASP C 274 -11.74 29.25 -10.11
CA ASP C 274 -11.63 30.43 -11.00
C ASP C 274 -10.20 30.90 -11.10
N LEU C 275 -9.48 30.89 -9.98
CA LEU C 275 -8.05 31.26 -9.99
C LEU C 275 -7.22 30.31 -10.83
N VAL C 276 -7.25 28.99 -10.53
CA VAL C 276 -6.34 28.06 -11.24
C VAL C 276 -6.70 27.85 -12.72
N LYS C 277 -7.99 27.99 -13.07
CA LYS C 277 -8.39 27.83 -14.47
C LYS C 277 -7.89 28.98 -15.38
N ARG C 278 -7.37 30.07 -14.81
CA ARG C 278 -6.70 31.09 -15.64
C ARG C 278 -5.17 31.08 -15.53
N MET C 279 -4.61 30.07 -14.88
CA MET C 279 -3.15 29.88 -14.78
C MET C 279 -2.69 28.74 -15.70
N PRO C 280 -1.55 28.94 -16.40
CA PRO C 280 -1.09 27.92 -17.34
C PRO C 280 -0.29 26.77 -16.70
N ALA C 281 0.02 25.77 -17.52
CA ALA C 281 1.04 24.79 -17.19
C ALA C 281 2.43 25.46 -17.30
N LEU C 282 3.44 24.82 -16.72
CA LEU C 282 4.82 25.30 -16.86
C LEU C 282 5.36 24.88 -18.25
N GLU C 283 6.09 25.77 -18.93
CA GLU C 283 6.55 25.53 -20.33
C GLU C 283 7.67 24.49 -20.40
N SER D 4 -13.66 -25.41 12.36
CA SER D 4 -13.58 -25.85 10.93
C SER D 4 -14.84 -26.64 10.53
N MET D 5 -15.70 -25.99 9.73
CA MET D 5 -16.81 -26.64 9.06
C MET D 5 -16.24 -27.25 7.78
N ASN D 6 -16.71 -28.43 7.42
CA ASN D 6 -16.30 -29.10 6.19
C ASN D 6 -17.43 -28.96 5.17
N VAL D 7 -17.08 -28.81 3.88
CA VAL D 7 -18.07 -28.68 2.83
C VAL D 7 -17.96 -29.86 1.86
N ALA D 8 -19.03 -30.66 1.82
CA ALA D 8 -19.12 -31.84 0.96
C ALA D 8 -19.40 -31.36 -0.43
N ILE D 9 -18.49 -31.59 -1.36
CA ILE D 9 -18.70 -31.20 -2.76
C ILE D 9 -19.33 -32.34 -3.56
N SER D 10 -18.90 -33.55 -3.29
CA SER D 10 -19.34 -34.75 -4.00
C SER D 10 -18.95 -35.88 -3.07
N PRO D 11 -19.37 -37.12 -3.37
CA PRO D 11 -18.88 -38.21 -2.52
C PRO D 11 -17.36 -38.27 -2.71
N GLY D 12 -16.58 -38.47 -1.68
CA GLY D 12 -15.11 -38.41 -2.00
C GLY D 12 -14.41 -37.09 -2.29
N VAL D 13 -15.13 -35.97 -2.38
CA VAL D 13 -14.48 -34.67 -2.24
C VAL D 13 -15.21 -33.81 -1.18
N THR D 14 -14.46 -33.51 -0.11
CA THR D 14 -14.86 -32.64 0.99
C THR D 14 -13.72 -31.69 1.34
N ALA D 15 -14.05 -30.41 1.40
CA ALA D 15 -13.06 -29.40 1.66
C ALA D 15 -13.21 -28.97 3.09
N GLY D 16 -12.09 -28.82 3.78
CA GLY D 16 -12.08 -28.34 5.16
C GLY D 16 -10.68 -27.96 5.59
N ASN D 17 -10.57 -26.97 6.46
CA ASN D 17 -9.26 -26.47 6.85
C ASN D 17 -8.36 -27.50 7.61
N SER D 18 -8.97 -28.50 8.26
CA SER D 18 -8.19 -29.58 8.92
C SER D 18 -8.00 -30.85 8.06
N LEU D 19 -8.57 -30.86 6.84
CA LEU D 19 -8.60 -32.06 6.01
C LEU D 19 -7.52 -31.97 4.93
N PRO D 20 -7.16 -33.10 4.28
CA PRO D 20 -6.24 -33.03 3.15
C PRO D 20 -6.73 -31.99 2.15
N PHE D 21 -5.78 -31.23 1.59
CA PHE D 21 -6.17 -30.17 0.71
C PHE D 21 -6.87 -30.70 -0.54
N VAL D 22 -7.78 -29.89 -1.06
CA VAL D 22 -8.48 -30.21 -2.33
C VAL D 22 -7.89 -29.31 -3.40
N LEU D 23 -7.62 -29.87 -4.56
CA LEU D 23 -7.21 -29.07 -5.73
C LEU D 23 -8.45 -28.66 -6.55
N PHE D 24 -8.68 -27.36 -6.63
CA PHE D 24 -9.57 -26.78 -7.60
C PHE D 24 -8.68 -26.35 -8.74
N GLY D 25 -8.58 -27.19 -9.77
CA GLY D 25 -7.67 -26.94 -10.86
C GLY D 25 -8.27 -27.04 -12.23
N GLY D 26 -7.76 -26.23 -13.13
CA GLY D 26 -8.16 -26.33 -14.52
C GLY D 26 -7.53 -25.25 -15.35
N ILE D 27 -8.40 -24.50 -16.01
CA ILE D 27 -8.01 -23.59 -17.07
C ILE D 27 -8.82 -22.31 -16.90
N ASN D 28 -8.36 -21.26 -17.53
CA ASN D 28 -8.91 -19.90 -17.46
C ASN D 28 -10.35 -19.88 -17.97
N VAL D 29 -10.54 -20.30 -19.22
CA VAL D 29 -11.85 -20.26 -19.86
C VAL D 29 -12.05 -21.46 -20.79
N LEU D 30 -13.30 -21.91 -20.89
CA LEU D 30 -13.65 -22.99 -21.78
C LEU D 30 -13.64 -22.46 -23.21
N GLU D 31 -12.88 -23.12 -24.10
CA GLU D 31 -12.79 -22.73 -25.50
C GLU D 31 -13.30 -23.82 -26.46
N SER D 32 -12.93 -25.07 -26.19
CA SER D 32 -13.40 -26.20 -27.00
C SER D 32 -13.58 -27.44 -26.13
N LEU D 33 -14.46 -28.34 -26.56
CA LEU D 33 -14.58 -29.62 -25.88
C LEU D 33 -13.23 -30.33 -25.88
N ASP D 34 -12.64 -30.41 -27.08
CA ASP D 34 -11.37 -31.07 -27.32
C ASP D 34 -10.28 -30.67 -26.33
N PHE D 35 -10.02 -29.38 -26.22
CA PHE D 35 -8.94 -28.89 -25.36
C PHE D 35 -9.27 -29.05 -23.85
N THR D 36 -10.53 -28.86 -23.51
CA THR D 36 -11.00 -29.02 -22.13
C THR D 36 -10.75 -30.47 -21.65
N LEU D 37 -11.19 -31.42 -22.45
CA LEU D 37 -10.96 -32.83 -22.19
C LEU D 37 -9.48 -33.19 -22.09
N ASP D 38 -8.65 -32.69 -23.00
CA ASP D 38 -7.18 -32.85 -22.98
C ASP D 38 -6.63 -32.42 -21.59
N VAL D 39 -6.89 -31.16 -21.22
CA VAL D 39 -6.36 -30.61 -19.99
C VAL D 39 -6.98 -31.27 -18.75
N CYS D 40 -8.31 -31.38 -18.69
CA CYS D 40 -8.95 -32.00 -17.53
C CYS D 40 -8.46 -33.42 -17.30
N GLY D 41 -8.26 -34.17 -18.38
CA GLY D 41 -7.75 -35.53 -18.32
C GLY D 41 -6.37 -35.65 -17.71
N GLU D 42 -5.48 -34.70 -18.01
CA GLU D 42 -4.17 -34.69 -17.38
C GLU D 42 -4.29 -34.40 -15.86
N TYR D 43 -5.08 -33.40 -15.49
CA TYR D 43 -5.30 -33.12 -14.08
C TYR D 43 -5.85 -34.36 -13.36
N VAL D 44 -6.79 -35.05 -13.99
CA VAL D 44 -7.43 -36.21 -13.35
C VAL D 44 -6.39 -37.30 -13.13
N ALA D 45 -5.56 -37.55 -14.15
CA ALA D 45 -4.55 -38.62 -14.03
C ALA D 45 -3.50 -38.30 -12.96
N VAL D 46 -3.01 -37.07 -12.94
CA VAL D 46 -2.01 -36.69 -11.94
C VAL D 46 -2.58 -36.76 -10.50
N THR D 47 -3.76 -36.18 -10.29
CA THR D 47 -4.36 -36.18 -8.97
C THR D 47 -4.71 -37.58 -8.49
N ARG D 48 -5.25 -38.40 -9.38
CA ARG D 48 -5.51 -39.79 -9.06
C ARG D 48 -4.23 -40.51 -8.69
N LYS D 49 -3.14 -40.24 -9.40
CA LYS D 49 -1.84 -40.90 -9.13
C LYS D 49 -1.33 -40.54 -7.76
N LEU D 50 -1.35 -39.24 -7.46
CA LEU D 50 -0.82 -38.72 -6.20
C LEU D 50 -1.78 -38.91 -5.04
N GLY D 51 -3.07 -39.13 -5.31
CA GLY D 51 -4.05 -39.31 -4.23
C GLY D 51 -4.56 -37.98 -3.69
N ILE D 52 -4.83 -37.03 -4.58
CA ILE D 52 -5.28 -35.69 -4.19
C ILE D 52 -6.72 -35.44 -4.66
N PRO D 53 -7.62 -35.04 -3.74
CA PRO D 53 -8.98 -34.76 -4.15
C PRO D 53 -9.03 -33.60 -5.15
N PHE D 54 -9.90 -33.71 -6.15
CA PHE D 54 -9.86 -32.83 -7.31
C PHE D 54 -11.27 -32.39 -7.78
N VAL D 55 -11.34 -31.12 -8.13
CA VAL D 55 -12.52 -30.46 -8.65
C VAL D 55 -12.00 -29.69 -9.85
N PHE D 56 -12.59 -29.93 -11.01
CA PHE D 56 -12.15 -29.28 -12.23
C PHE D 56 -12.74 -27.87 -12.34
N LYS D 57 -11.88 -26.92 -12.71
CA LYS D 57 -12.28 -25.53 -12.77
C LYS D 57 -12.13 -24.91 -14.14
N ALA D 58 -13.15 -24.14 -14.54
CA ALA D 58 -13.08 -23.30 -15.73
C ALA D 58 -14.22 -22.28 -15.72
N SER D 59 -14.00 -21.14 -16.38
CA SER D 59 -15.05 -20.17 -16.63
C SER D 59 -15.69 -20.50 -17.94
N PHE D 60 -16.99 -20.26 -18.06
CA PHE D 60 -17.66 -20.39 -19.36
C PHE D 60 -17.72 -19.02 -20.07
N ASP D 61 -17.49 -17.93 -19.32
CA ASP D 61 -17.46 -16.57 -19.89
C ASP D 61 -16.44 -15.71 -19.12
N LYS D 62 -15.69 -14.89 -19.87
CA LYS D 62 -14.80 -13.89 -19.28
C LYS D 62 -15.54 -12.58 -19.40
N ALA D 63 -16.17 -12.19 -18.30
CA ALA D 63 -17.13 -11.08 -18.29
C ALA D 63 -16.45 -9.71 -18.14
N ASN D 64 -15.13 -9.70 -17.95
CA ASN D 64 -14.43 -8.50 -17.55
C ASN D 64 -13.15 -8.25 -18.34
N ARG D 65 -13.21 -8.49 -19.66
CA ARG D 65 -12.09 -8.24 -20.56
C ARG D 65 -12.08 -6.80 -21.01
N SER D 66 -10.95 -6.36 -21.58
CA SER D 66 -10.70 -4.95 -21.84
C SER D 66 -11.37 -4.40 -23.11
N SER D 67 -11.82 -5.29 -24.01
CA SER D 67 -12.53 -4.86 -25.22
C SER D 67 -13.77 -5.70 -25.49
N ILE D 68 -14.80 -5.09 -26.08
CA ILE D 68 -16.01 -5.85 -26.42
C ILE D 68 -15.71 -6.98 -27.44
N HIS D 69 -14.70 -6.78 -28.31
CA HIS D 69 -14.28 -7.78 -29.30
C HIS D 69 -13.22 -8.79 -28.80
N SER D 70 -12.75 -8.63 -27.57
CA SER D 70 -11.83 -9.61 -26.97
C SER D 70 -12.58 -10.91 -26.68
N TYR D 71 -11.94 -12.02 -27.04
CA TYR D 71 -12.59 -13.33 -26.98
C TYR D 71 -13.00 -13.66 -25.55
N ARG D 72 -14.23 -14.12 -25.40
CA ARG D 72 -14.86 -14.30 -24.09
C ARG D 72 -15.05 -15.74 -23.65
N GLY D 73 -14.85 -16.69 -24.56
CA GLY D 73 -15.04 -18.10 -24.28
C GLY D 73 -16.33 -18.55 -24.93
N VAL D 74 -16.66 -19.83 -24.76
CA VAL D 74 -17.80 -20.45 -25.48
C VAL D 74 -19.18 -20.01 -24.99
N GLY D 75 -19.22 -19.37 -23.82
CA GLY D 75 -20.48 -18.86 -23.30
C GLY D 75 -21.27 -19.90 -22.55
N LEU D 76 -22.41 -19.47 -22.01
CA LEU D 76 -23.19 -20.26 -21.07
C LEU D 76 -23.66 -21.62 -21.60
N ASP D 77 -24.39 -21.63 -22.71
CA ASP D 77 -25.06 -22.84 -23.13
C ASP D 77 -24.07 -23.91 -23.55
N GLU D 78 -23.01 -23.52 -24.26
CA GLU D 78 -22.01 -24.48 -24.69
C GLU D 78 -21.13 -24.88 -23.50
N GLY D 79 -20.85 -23.92 -22.63
CA GLY D 79 -20.08 -24.17 -21.41
C GLY D 79 -20.72 -25.29 -20.60
N LEU D 80 -22.03 -25.23 -20.42
CA LEU D 80 -22.71 -26.21 -19.60
C LEU D 80 -22.64 -27.59 -20.23
N LYS D 81 -22.72 -27.64 -21.55
CA LYS D 81 -22.58 -28.91 -22.29
C LYS D 81 -21.19 -29.50 -22.14
N ILE D 82 -20.16 -28.66 -22.15
CA ILE D 82 -18.79 -29.15 -21.98
C ILE D 82 -18.60 -29.70 -20.57
N PHE D 83 -19.05 -28.95 -19.57
CA PHE D 83 -19.01 -29.42 -18.19
C PHE D 83 -19.75 -30.75 -18.02
N ALA D 84 -20.91 -30.87 -18.66
CA ALA D 84 -21.68 -32.14 -18.58
C ALA D 84 -20.85 -33.32 -19.10
N GLU D 85 -20.12 -33.11 -20.18
CA GLU D 85 -19.20 -34.12 -20.74
C GLU D 85 -18.04 -34.44 -19.78
N VAL D 86 -17.39 -33.38 -19.31
CA VAL D 86 -16.30 -33.53 -18.36
C VAL D 86 -16.74 -34.43 -17.18
N LYS D 87 -17.93 -34.17 -16.65
CA LYS D 87 -18.48 -34.95 -15.54
C LYS D 87 -18.80 -36.39 -15.92
N ALA D 88 -19.46 -36.57 -17.05
CA ALA D 88 -19.80 -37.91 -17.54
C ALA D 88 -18.56 -38.75 -17.83
N ARG D 89 -17.54 -38.15 -18.44
CA ARG D 89 -16.34 -38.92 -18.82
C ARG D 89 -15.39 -39.24 -17.68
N PHE D 90 -15.16 -38.27 -16.81
CA PHE D 90 -14.18 -38.41 -15.74
C PHE D 90 -14.80 -38.64 -14.35
N GLY D 91 -16.09 -38.34 -14.18
CA GLY D 91 -16.73 -38.46 -12.85
C GLY D 91 -16.17 -37.51 -11.81
N VAL D 92 -15.66 -36.36 -12.27
CA VAL D 92 -15.02 -35.35 -11.47
C VAL D 92 -16.04 -34.24 -11.21
N PRO D 93 -16.06 -33.65 -10.01
CA PRO D 93 -16.96 -32.49 -9.84
C PRO D 93 -16.37 -31.25 -10.50
N VAL D 94 -17.17 -30.24 -10.79
CA VAL D 94 -16.70 -29.04 -11.47
C VAL D 94 -17.17 -27.78 -10.74
N ILE D 95 -16.36 -26.74 -10.87
CA ILE D 95 -16.63 -25.43 -10.34
C ILE D 95 -16.54 -24.39 -11.44
N THR D 96 -17.46 -23.42 -11.41
CA THR D 96 -17.43 -22.34 -12.33
C THR D 96 -18.02 -21.09 -11.69
N ASP D 97 -17.67 -19.94 -12.28
CA ASP D 97 -18.11 -18.66 -11.81
C ASP D 97 -19.36 -18.15 -12.51
N VAL D 98 -20.16 -17.41 -11.75
CA VAL D 98 -21.45 -16.92 -12.19
C VAL D 98 -21.44 -15.40 -12.11
N HIS D 99 -21.79 -14.75 -13.22
CA HIS D 99 -21.65 -13.29 -13.37
C HIS D 99 -22.97 -12.50 -13.35
N GLU D 100 -24.08 -13.19 -13.58
CA GLU D 100 -25.43 -12.61 -13.63
C GLU D 100 -26.34 -13.49 -12.77
N ALA D 101 -27.28 -12.87 -12.07
CA ALA D 101 -28.20 -13.60 -11.18
C ALA D 101 -28.94 -14.72 -11.91
N GLU D 102 -29.45 -14.42 -13.10
CA GLU D 102 -30.23 -15.38 -13.88
C GLU D 102 -29.41 -16.58 -14.37
N GLN D 103 -28.08 -16.49 -14.36
CA GLN D 103 -27.23 -17.66 -14.68
C GLN D 103 -27.17 -18.72 -13.56
N ALA D 104 -27.38 -18.35 -12.29
CA ALA D 104 -27.12 -19.29 -11.18
C ALA D 104 -27.92 -20.59 -11.22
N ALA D 105 -29.24 -20.46 -11.40
CA ALA D 105 -30.14 -21.62 -11.48
C ALA D 105 -29.69 -22.62 -12.55
N PRO D 106 -29.55 -22.17 -13.82
CA PRO D 106 -29.15 -23.14 -14.85
C PRO D 106 -27.75 -23.73 -14.63
N VAL D 107 -26.83 -22.92 -14.12
CA VAL D 107 -25.48 -23.38 -13.85
C VAL D 107 -25.51 -24.45 -12.75
N ALA D 108 -26.32 -24.21 -11.72
CA ALA D 108 -26.39 -25.15 -10.61
C ALA D 108 -26.93 -26.53 -11.00
N GLU D 109 -27.56 -26.66 -12.15
CA GLU D 109 -28.01 -27.98 -12.57
C GLU D 109 -26.82 -28.87 -12.96
N ILE D 110 -25.72 -28.26 -13.44
CA ILE D 110 -24.54 -28.99 -13.93
C ILE D 110 -23.33 -28.86 -12.97
N ALA D 111 -22.99 -27.64 -12.60
CA ALA D 111 -21.85 -27.38 -11.72
C ALA D 111 -22.07 -27.83 -10.27
N ASP D 112 -20.99 -28.26 -9.63
CA ASP D 112 -20.99 -28.81 -8.29
C ASP D 112 -20.64 -27.78 -7.23
N VAL D 113 -19.97 -26.70 -7.64
CA VAL D 113 -19.69 -25.53 -6.84
C VAL D 113 -19.90 -24.27 -7.70
N LEU D 114 -20.55 -23.24 -7.15
CA LEU D 114 -20.73 -21.97 -7.84
C LEU D 114 -19.84 -20.92 -7.23
N GLN D 115 -19.12 -20.19 -8.07
CA GLN D 115 -18.17 -19.18 -7.58
C GLN D 115 -18.68 -17.74 -7.81
N VAL D 116 -18.53 -16.89 -6.80
CA VAL D 116 -18.79 -15.46 -6.93
C VAL D 116 -17.53 -14.76 -7.37
N PRO D 117 -17.56 -14.07 -8.52
CA PRO D 117 -16.38 -13.33 -8.96
C PRO D 117 -15.99 -12.27 -7.97
N ALA D 118 -14.69 -12.05 -7.83
CA ALA D 118 -14.12 -11.16 -6.84
C ALA D 118 -14.73 -9.77 -6.87
N PHE D 119 -14.79 -9.18 -8.05
CA PHE D 119 -15.29 -7.82 -8.19
C PHE D 119 -16.78 -7.71 -7.84
N LEU D 120 -17.50 -8.84 -7.91
CA LEU D 120 -18.93 -8.85 -7.62
C LEU D 120 -19.33 -9.25 -6.21
N ALA D 121 -18.35 -9.51 -5.35
CA ALA D 121 -18.58 -10.10 -4.02
C ALA D 121 -19.52 -9.31 -3.11
N ARG D 122 -19.52 -7.99 -3.27
CA ARG D 122 -20.40 -7.13 -2.48
C ARG D 122 -21.79 -6.94 -3.07
N GLN D 123 -22.07 -7.48 -4.28
CA GLN D 123 -23.38 -7.22 -4.89
C GLN D 123 -24.45 -8.16 -4.32
N THR D 124 -25.42 -7.58 -3.65
CA THR D 124 -26.42 -8.34 -2.92
C THR D 124 -27.21 -9.28 -3.79
N ASP D 125 -27.83 -8.78 -4.85
CA ASP D 125 -28.64 -9.63 -5.70
C ASP D 125 -27.90 -10.80 -6.37
N LEU D 126 -26.67 -10.59 -6.86
CA LEU D 126 -25.92 -11.71 -7.45
C LEU D 126 -25.59 -12.78 -6.41
N VAL D 127 -25.09 -12.34 -5.25
CA VAL D 127 -24.72 -13.30 -4.20
C VAL D 127 -25.95 -14.10 -3.76
N VAL D 128 -27.06 -13.42 -3.55
CA VAL D 128 -28.27 -14.13 -3.13
C VAL D 128 -28.76 -15.17 -4.16
N ALA D 129 -28.70 -14.83 -5.45
CA ALA D 129 -29.11 -15.76 -6.52
C ALA D 129 -28.19 -16.98 -6.57
N ILE D 130 -26.89 -16.75 -6.39
CA ILE D 130 -25.94 -17.86 -6.32
C ILE D 130 -26.20 -18.77 -5.14
N ALA D 131 -26.29 -18.17 -3.95
CA ALA D 131 -26.56 -18.89 -2.71
C ALA D 131 -27.88 -19.65 -2.84
N LYS D 132 -28.92 -18.99 -3.33
CA LYS D 132 -30.24 -19.67 -3.43
C LYS D 132 -30.23 -20.87 -4.36
N ALA D 133 -29.24 -20.97 -5.27
CA ALA D 133 -29.24 -22.02 -6.30
C ALA D 133 -28.98 -23.42 -5.72
N GLY D 134 -28.49 -23.46 -4.49
CA GLY D 134 -28.46 -24.67 -3.69
C GLY D 134 -27.17 -25.49 -3.77
N LYS D 135 -26.14 -25.00 -4.45
CA LYS D 135 -24.85 -25.71 -4.44
C LYS D 135 -23.88 -25.01 -3.49
N PRO D 136 -22.77 -25.71 -3.12
CA PRO D 136 -21.77 -24.97 -2.37
C PRO D 136 -21.27 -23.77 -3.19
N VAL D 137 -20.89 -22.71 -2.47
CA VAL D 137 -20.50 -21.43 -3.05
C VAL D 137 -19.03 -21.16 -2.70
N ASN D 138 -18.23 -20.73 -3.67
CA ASN D 138 -16.87 -20.23 -3.46
C ASN D 138 -16.85 -18.71 -3.62
N VAL D 139 -16.60 -17.96 -2.54
CA VAL D 139 -16.50 -16.51 -2.63
C VAL D 139 -15.03 -16.09 -2.83
N LYS D 140 -14.73 -15.42 -3.94
CA LYS D 140 -13.41 -14.86 -4.15
C LYS D 140 -13.31 -13.58 -3.36
N LYS D 141 -12.22 -13.43 -2.62
CA LYS D 141 -12.00 -12.23 -1.86
C LYS D 141 -11.43 -11.14 -2.80
N PRO D 142 -12.18 -10.04 -2.98
CA PRO D 142 -11.61 -8.94 -3.78
C PRO D 142 -10.28 -8.42 -3.27
N GLN D 143 -9.43 -7.95 -4.15
CA GLN D 143 -8.15 -7.38 -3.73
C GLN D 143 -8.31 -6.10 -2.90
N PHE D 144 -9.49 -5.48 -2.93
CA PHE D 144 -9.78 -4.30 -2.15
C PHE D 144 -10.33 -4.63 -0.76
N MET D 145 -10.62 -5.89 -0.49
CA MET D 145 -11.35 -6.26 0.73
C MET D 145 -10.39 -6.82 1.78
N SER D 146 -10.45 -6.31 2.98
CA SER D 146 -9.68 -6.87 4.07
C SER D 146 -10.25 -8.24 4.50
N PRO D 147 -9.42 -9.10 5.08
CA PRO D 147 -9.83 -10.46 5.34
C PRO D 147 -10.94 -10.59 6.38
N THR D 148 -11.17 -9.58 7.20
CA THR D 148 -12.21 -9.64 8.23
C THR D 148 -13.60 -9.21 7.76
N GLN D 149 -13.68 -8.69 6.55
CA GLN D 149 -14.93 -8.18 5.99
C GLN D 149 -15.66 -9.22 5.14
N LEU D 150 -15.01 -10.32 4.85
CA LEU D 150 -15.61 -11.32 3.99
C LEU D 150 -16.81 -11.98 4.69
N LYS D 151 -16.82 -11.98 6.02
CA LYS D 151 -17.96 -12.49 6.79
C LYS D 151 -19.31 -11.96 6.35
N HIS D 152 -19.37 -10.75 5.82
CA HIS D 152 -20.67 -10.19 5.43
C HIS D 152 -21.25 -10.92 4.21
N VAL D 153 -20.39 -11.24 3.26
CA VAL D 153 -20.82 -12.00 2.10
C VAL D 153 -21.32 -13.37 2.52
N VAL D 154 -20.55 -14.03 3.39
CA VAL D 154 -20.95 -15.33 3.90
C VAL D 154 -22.31 -15.23 4.58
N SER D 155 -22.53 -14.15 5.31
CA SER D 155 -23.77 -14.00 6.07
C SER D 155 -24.94 -13.83 5.12
N LYS D 156 -24.72 -13.15 4.00
CA LYS D 156 -25.76 -13.05 2.97
C LYS D 156 -26.16 -14.43 2.45
N CYS D 157 -25.16 -15.28 2.26
CA CYS D 157 -25.41 -16.67 1.85
C CYS D 157 -26.22 -17.40 2.91
N GLY D 158 -25.79 -17.28 4.17
CA GLY D 158 -26.52 -17.89 5.31
C GLY D 158 -27.93 -17.34 5.43
N GLU D 159 -28.08 -16.06 5.15
CA GLU D 159 -29.38 -15.40 5.27
C GLU D 159 -30.41 -16.08 4.35
N VAL D 160 -29.98 -16.65 3.21
CA VAL D 160 -30.93 -17.32 2.28
C VAL D 160 -30.88 -18.86 2.29
N GLY D 161 -30.30 -19.43 3.34
CA GLY D 161 -30.36 -20.87 3.54
C GLY D 161 -29.14 -21.66 3.08
N ASN D 162 -28.05 -20.99 2.68
CA ASN D 162 -26.87 -21.70 2.19
C ASN D 162 -25.68 -21.50 3.12
N ASP D 163 -25.36 -22.57 3.86
CA ASP D 163 -24.33 -22.57 4.88
C ASP D 163 -23.07 -23.28 4.36
N ARG D 164 -23.02 -23.62 3.05
CA ARG D 164 -21.90 -24.36 2.48
C ARG D 164 -21.00 -23.42 1.68
N VAL D 165 -20.25 -22.61 2.42
CA VAL D 165 -19.52 -21.51 1.81
C VAL D 165 -18.04 -21.66 2.06
N MET D 166 -17.28 -21.39 1.01
CA MET D 166 -15.83 -21.44 1.01
C MET D 166 -15.30 -20.08 0.53
N LEU D 167 -14.09 -19.75 0.95
CA LEU D 167 -13.52 -18.45 0.75
C LEU D 167 -12.22 -18.61 0.00
N CYS D 168 -11.94 -17.72 -0.95
CA CYS D 168 -10.81 -17.91 -1.82
C CYS D 168 -9.93 -16.65 -1.87
N GLU D 169 -8.68 -16.84 -1.50
CA GLU D 169 -7.69 -15.78 -1.40
C GLU D 169 -7.03 -15.64 -2.75
N ARG D 170 -6.86 -14.40 -3.18
CA ARG D 170 -6.15 -14.11 -4.43
C ARG D 170 -5.28 -12.84 -4.41
N GLY D 171 -4.84 -12.40 -3.23
CA GLY D 171 -3.97 -11.21 -3.13
C GLY D 171 -4.75 -9.96 -2.80
N SER D 172 -4.02 -8.97 -2.29
CA SER D 172 -4.55 -7.70 -1.91
C SER D 172 -3.75 -6.64 -2.65
N SER D 173 -4.38 -5.50 -2.94
CA SER D 173 -3.78 -4.41 -3.67
C SER D 173 -2.59 -3.86 -2.91
N PHE D 174 -1.47 -3.74 -3.62
CA PHE D 174 -0.22 -3.30 -3.05
C PHE D 174 0.38 -2.25 -3.97
N GLY D 175 0.06 -1.00 -3.72
CA GLY D 175 0.32 0.07 -4.67
C GLY D 175 -0.53 -0.10 -5.89
N TYR D 176 -0.04 0.42 -7.01
CA TYR D 176 -0.75 0.32 -8.28
C TYR D 176 -0.41 -1.00 -8.97
N ASP D 177 -1.45 -1.65 -9.46
CA ASP D 177 -1.37 -2.89 -10.23
C ASP D 177 -0.94 -4.16 -9.46
N ASN D 178 -0.01 -4.04 -8.53
CA ASN D 178 0.56 -5.19 -7.91
C ASN D 178 -0.34 -5.76 -6.82
N LEU D 179 -0.25 -7.07 -6.67
CA LEU D 179 -0.90 -7.79 -5.58
C LEU D 179 0.17 -8.40 -4.66
N VAL D 180 -0.12 -8.44 -3.36
CA VAL D 180 0.70 -9.15 -2.39
C VAL D 180 -0.24 -10.06 -1.65
N VAL D 181 0.24 -11.21 -1.20
CA VAL D 181 -0.58 -12.14 -0.42
C VAL D 181 -0.14 -12.04 1.04
N ASP D 182 -1.06 -11.57 1.87
CA ASP D 182 -0.86 -11.55 3.32
C ASP D 182 -1.23 -12.93 3.89
N MET D 183 -0.22 -13.70 4.25
CA MET D 183 -0.43 -15.05 4.77
C MET D 183 -1.16 -15.06 6.13
N LEU D 184 -1.22 -13.92 6.84
CA LEU D 184 -2.04 -13.85 8.06
C LEU D 184 -3.54 -13.85 7.76
N GLY D 185 -3.90 -13.58 6.51
CA GLY D 185 -5.31 -13.45 6.14
C GLY D 185 -6.12 -14.73 6.17
N PHE D 186 -5.47 -15.89 5.96
CA PHE D 186 -6.20 -17.15 5.85
C PHE D 186 -6.92 -17.48 7.17
N ARG D 187 -6.20 -17.39 8.27
CA ARG D 187 -6.80 -17.62 9.59
C ARG D 187 -7.84 -16.56 9.94
N GLN D 188 -7.59 -15.31 9.53
CA GLN D 188 -8.58 -14.29 9.79
C GLN D 188 -9.91 -14.60 9.09
N MET D 189 -9.81 -14.98 7.84
CA MET D 189 -10.98 -15.32 7.06
C MET D 189 -11.73 -16.46 7.73
N ALA D 190 -10.99 -17.49 8.09
CA ALA D 190 -11.58 -18.67 8.71
C ALA D 190 -12.23 -18.36 10.04
N GLU D 191 -11.48 -17.72 10.95
CA GLU D 191 -11.98 -17.51 12.30
C GLU D 191 -13.13 -16.51 12.43
N THR D 192 -13.25 -15.56 11.52
CA THR D 192 -14.34 -14.60 11.58
C THR D 192 -15.62 -15.08 10.87
N THR D 193 -15.57 -16.25 10.22
CA THR D 193 -16.70 -16.74 9.43
C THR D 193 -17.22 -18.05 9.96
N GLY D 194 -16.80 -18.44 11.16
CA GLY D 194 -17.21 -19.72 11.75
C GLY D 194 -16.48 -20.93 11.19
N GLY D 195 -15.29 -20.73 10.61
CA GLY D 195 -14.43 -21.82 10.13
C GLY D 195 -14.67 -22.28 8.68
N CYS D 196 -15.16 -21.39 7.83
CA CYS D 196 -15.28 -21.71 6.41
C CYS D 196 -13.94 -22.19 5.83
N PRO D 197 -14.00 -23.19 4.95
CA PRO D 197 -12.85 -23.61 4.19
C PRO D 197 -12.28 -22.46 3.43
N VAL D 198 -10.97 -22.34 3.55
CA VAL D 198 -10.19 -21.35 2.88
C VAL D 198 -9.31 -21.97 1.80
N ILE D 199 -9.35 -21.31 0.64
CA ILE D 199 -8.73 -21.76 -0.58
C ILE D 199 -7.81 -20.65 -1.04
N PHE D 200 -6.68 -21.05 -1.63
CA PHE D 200 -5.66 -20.12 -2.11
C PHE D 200 -5.42 -20.22 -3.62
N ASP D 201 -5.70 -19.14 -4.32
CA ASP D 201 -5.46 -19.03 -5.76
C ASP D 201 -4.04 -18.56 -5.97
N VAL D 202 -3.16 -19.48 -6.29
CA VAL D 202 -1.77 -19.11 -6.49
CA VAL D 202 -1.74 -19.16 -6.51
C VAL D 202 -1.49 -18.60 -7.91
N THR D 203 -2.47 -18.72 -8.82
CA THR D 203 -2.29 -18.18 -10.19
C THR D 203 -2.62 -16.68 -10.24
N HIS D 204 -3.85 -16.32 -9.84
CA HIS D 204 -4.34 -14.94 -9.92
C HIS D 204 -3.59 -14.02 -8.98
N SER D 205 -3.07 -14.61 -7.90
CA SER D 205 -2.25 -13.89 -6.92
C SER D 205 -0.97 -13.26 -7.44
N LEU D 206 -0.51 -13.66 -8.64
CA LEU D 206 0.84 -13.27 -9.10
C LEU D 206 0.87 -12.01 -9.96
N GLN D 222 7.67 -17.99 -9.76
CA GLN D 222 7.63 -18.03 -8.32
C GLN D 222 6.33 -18.60 -7.81
N VAL D 223 5.63 -19.35 -8.67
CA VAL D 223 4.40 -20.01 -8.25
C VAL D 223 4.68 -21.05 -7.16
N LEU D 224 5.83 -21.72 -7.22
CA LEU D 224 6.19 -22.73 -6.24
C LEU D 224 6.43 -22.10 -4.84
N ASP D 225 7.06 -20.92 -4.81
CA ASP D 225 7.30 -20.23 -3.54
C ASP D 225 5.99 -19.90 -2.84
N LEU D 226 5.10 -19.27 -3.59
CA LEU D 226 3.80 -18.87 -3.07
C LEU D 226 2.93 -20.05 -2.64
N ALA D 227 2.86 -21.07 -3.51
CA ALA D 227 2.09 -22.29 -3.21
C ALA D 227 2.64 -23.01 -1.97
N ARG D 228 3.96 -23.12 -1.87
CA ARG D 228 4.58 -23.73 -0.67
C ARG D 228 4.18 -22.95 0.58
N ALA D 229 4.29 -21.63 0.50
CA ALA D 229 3.99 -20.77 1.67
C ALA D 229 2.56 -20.91 2.15
N GLY D 230 1.62 -20.88 1.22
CA GLY D 230 0.21 -20.95 1.53
C GLY D 230 -0.20 -22.31 2.04
N ILE D 231 0.23 -23.37 1.35
CA ILE D 231 -0.04 -24.73 1.85
C ILE D 231 0.51 -24.97 3.27
N ALA D 232 1.69 -24.42 3.58
CA ALA D 232 2.29 -24.61 4.89
C ALA D 232 1.47 -24.01 6.03
N VAL D 233 0.69 -22.98 5.75
CA VAL D 233 -0.14 -22.37 6.78
C VAL D 233 -1.21 -23.33 7.29
N GLY D 234 -1.71 -24.20 6.40
CA GLY D 234 -2.74 -25.16 6.75
C GLY D 234 -4.08 -24.61 6.24
N ILE D 235 -4.44 -25.00 5.02
CA ILE D 235 -5.65 -24.49 4.37
C ILE D 235 -6.43 -25.63 3.69
N ALA D 236 -7.65 -25.33 3.23
CA ALA D 236 -8.54 -26.34 2.66
C ALA D 236 -8.26 -26.69 1.23
N GLY D 237 -7.77 -25.72 0.46
CA GLY D 237 -7.63 -25.95 -0.94
C GLY D 237 -6.65 -25.02 -1.66
N LEU D 238 -6.31 -25.43 -2.87
CA LEU D 238 -5.53 -24.65 -3.79
C LEU D 238 -6.31 -24.51 -5.05
N PHE D 239 -6.20 -23.33 -5.63
CA PHE D 239 -6.88 -22.96 -6.83
C PHE D 239 -5.78 -22.70 -7.85
N LEU D 240 -5.88 -23.34 -9.01
CA LEU D 240 -4.79 -23.37 -9.93
C LEU D 240 -5.29 -23.43 -11.35
N GLU D 241 -4.66 -22.61 -12.21
CA GLU D 241 -4.85 -22.71 -13.65
C GLU D 241 -3.53 -23.12 -14.32
N ALA D 242 -3.66 -23.95 -15.35
CA ALA D 242 -2.53 -24.45 -16.09
C ALA D 242 -2.82 -24.35 -17.59
N HIS D 243 -1.76 -24.41 -18.38
CA HIS D 243 -1.83 -24.27 -19.84
C HIS D 243 -0.58 -24.96 -20.36
N PRO D 244 -0.67 -25.65 -21.52
CA PRO D 244 0.52 -26.34 -22.04
C PRO D 244 1.69 -25.45 -22.36
N ASP D 245 1.42 -24.20 -22.70
CA ASP D 245 2.46 -23.30 -23.16
C ASP D 245 2.03 -21.88 -22.81
N PRO D 246 2.17 -21.51 -21.53
CA PRO D 246 1.61 -20.22 -21.11
C PRO D 246 2.32 -18.98 -21.70
N ASP D 247 3.57 -19.12 -22.12
CA ASP D 247 4.25 -18.01 -22.82
C ASP D 247 3.48 -17.57 -24.07
N ARG D 248 3.10 -18.55 -24.89
CA ARG D 248 2.52 -18.28 -26.19
C ARG D 248 0.97 -18.42 -26.19
N ALA D 249 0.34 -18.20 -25.05
CA ALA D 249 -1.13 -18.15 -24.96
C ALA D 249 -1.55 -16.69 -24.83
N ARG D 250 -2.74 -16.35 -25.32
CA ARG D 250 -3.18 -14.94 -25.34
C ARG D 250 -4.35 -14.71 -24.39
N PRO D 254 -3.35 -13.02 -16.55
CA PRO D 254 -2.33 -13.52 -15.62
C PRO D 254 -1.91 -14.97 -15.96
N SER D 255 -0.64 -15.28 -15.73
CA SER D 255 0.01 -16.45 -16.30
C SER D 255 -0.22 -17.79 -15.57
N ALA D 256 -0.76 -18.75 -16.31
CA ALA D 256 -1.05 -20.08 -15.79
C ALA D 256 0.23 -20.92 -15.56
N LEU D 257 0.15 -21.95 -14.73
CA LEU D 257 1.27 -22.88 -14.57
C LEU D 257 1.51 -23.64 -15.88
N PRO D 258 2.76 -23.85 -16.27
CA PRO D 258 2.97 -24.78 -17.40
C PRO D 258 2.46 -26.18 -17.08
N LEU D 259 1.57 -26.72 -17.91
CA LEU D 259 0.89 -27.97 -17.58
C LEU D 259 1.85 -29.11 -17.24
N HIS D 260 2.99 -29.18 -17.91
CA HIS D 260 3.99 -30.23 -17.63
C HIS D 260 4.64 -30.17 -16.24
N GLN D 261 4.47 -29.07 -15.50
CA GLN D 261 4.98 -28.96 -14.11
C GLN D 261 3.95 -29.39 -13.06
N LEU D 262 2.76 -29.76 -13.51
CA LEU D 262 1.67 -30.02 -12.55
C LEU D 262 2.04 -31.07 -11.52
N GLU D 263 2.52 -32.22 -11.98
CA GLU D 263 2.85 -33.34 -11.09
C GLU D 263 3.93 -32.93 -10.09
N GLY D 264 4.95 -32.20 -10.54
CA GLY D 264 6.06 -31.81 -9.63
C GLY D 264 5.57 -30.83 -8.59
N LEU D 265 4.73 -29.87 -9.00
CA LEU D 265 4.14 -28.96 -8.05
C LEU D 265 3.27 -29.71 -7.04
N LEU D 266 2.36 -30.54 -7.53
CA LEU D 266 1.40 -31.21 -6.62
C LEU D 266 2.07 -32.18 -5.63
N SER D 267 3.13 -32.85 -6.04
CA SER D 267 3.80 -33.74 -5.12
C SER D 267 4.40 -32.98 -3.93
N GLN D 268 4.86 -31.74 -4.14
CA GLN D 268 5.39 -30.93 -3.02
C GLN D 268 4.23 -30.44 -2.16
N MET D 269 3.15 -30.01 -2.82
CA MET D 269 1.97 -29.54 -2.10
C MET D 269 1.47 -30.63 -1.15
N LYS D 270 1.31 -31.85 -1.69
CA LYS D 270 0.84 -32.96 -0.92
C LYS D 270 1.77 -33.29 0.23
N ALA D 271 3.08 -33.27 -0.02
CA ALA D 271 4.07 -33.58 1.00
C ALA D 271 3.99 -32.59 2.17
N ILE D 272 3.96 -31.30 1.86
CA ILE D 272 3.83 -30.26 2.89
C ILE D 272 2.49 -30.34 3.60
N ASP D 273 1.42 -30.45 2.83
CA ASP D 273 0.09 -30.52 3.40
C ASP D 273 -0.09 -31.72 4.36
N ASP D 274 0.32 -32.93 3.95
CA ASP D 274 0.26 -34.08 4.85
C ASP D 274 1.08 -33.83 6.13
N LEU D 275 2.21 -33.16 6.04
CA LEU D 275 3.01 -32.88 7.24
C LEU D 275 2.27 -31.90 8.15
N VAL D 276 1.85 -30.74 7.64
CA VAL D 276 1.33 -29.71 8.51
C VAL D 276 -0.04 -30.06 9.12
N LYS D 277 -0.86 -30.83 8.40
CA LYS D 277 -2.20 -31.22 8.89
C LYS D 277 -2.17 -32.24 10.04
N ARG D 278 -1.00 -32.78 10.36
CA ARG D 278 -0.85 -33.55 11.59
C ARG D 278 -0.01 -32.85 12.66
N MET D 279 0.14 -31.53 12.58
CA MET D 279 0.79 -30.71 13.62
C MET D 279 -0.20 -29.75 14.34
N PRO D 280 -0.09 -29.59 15.68
CA PRO D 280 -1.12 -28.72 16.31
C PRO D 280 -0.77 -27.22 16.37
N ALA D 281 -1.71 -26.45 16.93
CA ALA D 281 -1.44 -25.09 17.37
C ALA D 281 -0.49 -25.17 18.54
N LEU D 282 0.11 -24.03 18.89
CA LEU D 282 1.03 -23.99 20.03
C LEU D 282 0.20 -23.98 21.35
N GLU D 283 0.81 -24.48 22.44
CA GLU D 283 0.16 -24.66 23.75
C GLU D 283 -0.55 -23.41 24.29
#